data_2J7K
#
_entry.id   2J7K
#
_cell.length_a   77.230
_cell.length_b   88.680
_cell.length_c   114.900
_cell.angle_alpha   90.00
_cell.angle_beta   90.00
_cell.angle_gamma   90.00
#
_symmetry.space_group_name_H-M   'P 21 21 21'
#
loop_
_entity.id
_entity.type
_entity.pdbx_description
1 polymer 'ELONGATION FACTOR G'
2 non-polymer 'PHOSPHOMETHYLPHOSPHONIC ACID GUANYLATE ESTER'
3 non-polymer 'MAGNESIUM ION'
4 water water
#
_entity_poly.entity_id   1
_entity_poly.type   'polypeptide(L)'
_entity_poly.pdbx_seq_one_letter_code
;MAVKVEYDLKRLRNIGIAAHIDAGKTTTTERILYYTGRIHKIGEVHEGAATMDFMEQERERGITITAAVTTCFWKDHRIN
IIDAPGHVDFTIEVERSMRVLDGAIVVFDSSQGVEPQSETVWRQAEKYKVPRIAFANKMDKTGADLWLVIRTMQERLGAR
PVVMQLPIGREDTFSGIIDVLRMKAYTYGNDLGTDIREIPIPEEYLDQAREYHEKLVEVAADFDENIMLKYLEGEEPTEE
ELVAAIRKGTIDLKITPVFLGSALKNKGVQLLLDAVVDYLPSPLDIPPIKGTTPEGEVVEIHPDPNGPLAALAFKIMADP
YVGRLTFIRVYSGTLTSGSYVYNTTKGRKERVARLLRMHANHREEVEELKAGDLGAVVGLKETITGDTLVGEDAPRVILE
SIEVPEPVIDVAIEPKTKADQEKLSQALARLAEEDPTFRVSTHPETGQTIISGMGELHLEIIVDRLKREFKVDANVGKPQ
VAYRETITKPVDVEGKFIRQTGGRGQYGHVKIKVEPLPRGSGFEFVNAIVGGVIPKEYIPAVQKGIEEAMQSGPLIGFPV
VDIKVTLYDGSYHEVDSSEMAFKIAGSMAIKEAVQKGDPVILEPIMRVEVTTPEEYMGDVIGDLNARRGQILGMEPRGNA
QVIRAFVPLAEMFGYATDLRSKTQGRGSFVMFFDHYQEVPKQVQEKLIKGQ
;
_entity_poly.pdbx_strand_id   A
#
# COMPACT_ATOMS: atom_id res chain seq x y z
N VAL A 5 -18.72 15.87 -22.72
CA VAL A 5 -17.35 15.63 -22.16
C VAL A 5 -16.46 16.87 -22.34
N GLU A 6 -16.29 17.65 -21.26
CA GLU A 6 -15.53 18.90 -21.26
C GLU A 6 -14.08 18.65 -20.83
N TYR A 7 -13.52 17.55 -21.31
CA TYR A 7 -12.22 17.07 -20.87
C TYR A 7 -11.07 17.70 -21.65
N ASP A 8 -10.19 18.39 -20.92
CA ASP A 8 -8.90 18.82 -21.45
C ASP A 8 -7.81 18.16 -20.61
N LEU A 9 -6.87 17.52 -21.29
CA LEU A 9 -5.79 16.80 -20.65
C LEU A 9 -4.87 17.77 -19.90
N LYS A 10 -4.52 18.88 -20.56
CA LYS A 10 -3.58 19.85 -20.02
C LYS A 10 -4.07 20.50 -18.73
N ARG A 11 -5.37 20.75 -18.65
CA ARG A 11 -5.95 21.46 -17.51
C ARG A 11 -6.54 20.48 -16.50
N LEU A 12 -5.78 19.41 -16.24
CA LEU A 12 -6.17 18.34 -15.33
C LEU A 12 -5.09 18.18 -14.28
N ARG A 13 -5.48 17.97 -13.03
CA ARG A 13 -4.52 17.99 -11.93
C ARG A 13 -4.83 16.92 -10.88
N ASN A 14 -4.05 15.83 -10.88
CA ASN A 14 -4.27 14.71 -9.97
C ASN A 14 -3.41 14.79 -8.70
N ILE A 15 -4.03 15.18 -7.58
CA ILE A 15 -3.28 15.43 -6.35
C ILE A 15 -3.52 14.45 -5.20
N GLY A 16 -2.54 14.38 -4.31
CA GLY A 16 -2.63 13.62 -3.07
C GLY A 16 -2.04 14.42 -1.93
N ILE A 17 -2.77 14.52 -0.82
CA ILE A 17 -2.28 15.26 0.33
C ILE A 17 -1.60 14.31 1.30
N ALA A 18 -0.29 14.48 1.45
CA ALA A 18 0.53 13.68 2.36
C ALA A 18 0.99 14.54 3.52
N ALA A 19 1.02 13.94 4.70
CA ALA A 19 1.34 14.65 5.95
C ALA A 19 1.67 13.69 7.09
N HIS A 20 2.45 14.17 8.05
CA HIS A 20 2.62 13.45 9.30
C HIS A 20 1.32 13.57 10.10
N ILE A 21 1.08 12.63 11.02
CA ILE A 21 -0.12 12.70 11.88
C ILE A 21 -0.26 14.08 12.53
N ASP A 22 -1.48 14.61 12.48
CA ASP A 22 -1.86 15.89 13.09
C ASP A 22 -1.49 17.17 12.33
N ALA A 23 -0.96 17.04 11.11
CA ALA A 23 -0.53 18.22 10.34
C ALA A 23 -1.70 19.08 9.87
N GLY A 24 -2.77 18.44 9.40
CA GLY A 24 -3.94 19.13 8.87
C GLY A 24 -4.40 18.55 7.55
N LYS A 25 -3.97 17.33 7.27
CA LYS A 25 -4.32 16.60 6.06
C LYS A 25 -5.83 16.56 5.80
N THR A 26 -6.61 16.17 6.81
CA THR A 26 -8.07 16.12 6.66
C THR A 26 -8.69 17.52 6.62
N THR A 27 -8.29 18.39 7.54
CA THR A 27 -8.80 19.75 7.59
C THR A 27 -8.60 20.46 6.25
N THR A 28 -7.36 20.44 5.75
CA THR A 28 -7.04 21.11 4.48
C THR A 28 -7.92 20.58 3.35
N THR A 29 -8.05 19.25 3.27
CA THR A 29 -8.93 18.63 2.29
C THR A 29 -10.35 19.18 2.41
N GLU A 30 -10.88 19.17 3.63
CA GLU A 30 -12.21 19.70 3.92
C GLU A 30 -12.39 21.12 3.40
N ARG A 31 -11.43 21.98 3.71
CA ARG A 31 -11.50 23.37 3.29
C ARG A 31 -11.36 23.51 1.78
N ILE A 32 -10.44 22.72 1.19
CA ILE A 32 -10.25 22.71 -0.26
C ILE A 32 -11.55 22.43 -0.99
N LEU A 33 -12.28 21.40 -0.57
CA LEU A 33 -13.57 21.10 -1.19
C LEU A 33 -14.58 22.23 -1.00
N TYR A 34 -14.56 22.86 0.17
CA TYR A 34 -15.48 23.95 0.45
C TYR A 34 -15.31 25.15 -0.50
N TYR A 35 -14.08 25.61 -0.67
CA TYR A 35 -13.79 26.76 -1.52
C TYR A 35 -14.03 26.47 -3.00
N THR A 36 -13.86 25.21 -3.39
CA THR A 36 -14.08 24.82 -4.77
C THR A 36 -15.57 24.59 -5.03
N GLY A 37 -16.30 24.21 -3.99
CA GLY A 37 -17.70 23.89 -4.12
C GLY A 37 -18.66 25.06 -4.01
N ARG A 38 -18.20 26.26 -4.34
CA ARG A 38 -18.98 27.48 -4.17
C ARG A 38 -19.40 28.12 -5.49
N ILE A 39 -20.01 27.34 -6.38
CA ILE A 39 -20.54 27.90 -7.62
C ILE A 39 -21.94 27.36 -7.89
N HIS A 40 -22.87 28.28 -8.13
CA HIS A 40 -24.31 27.99 -8.33
C HIS A 40 -24.90 26.93 -7.38
N ILE A 65 -17.30 11.40 5.06
CA ILE A 65 -17.57 11.22 3.63
C ILE A 65 -16.46 10.40 2.95
N THR A 66 -15.22 10.89 3.05
CA THR A 66 -14.04 10.33 2.36
C THR A 66 -14.25 9.94 0.88
N ALA A 67 -14.27 8.65 0.56
CA ALA A 67 -14.25 8.15 -0.83
C ALA A 67 -12.87 8.33 -1.51
N ALA A 68 -12.37 7.25 -2.11
CA ALA A 68 -11.01 7.16 -2.64
C ALA A 68 -10.54 8.35 -3.48
N VAL A 69 -11.34 8.75 -4.46
CA VAL A 69 -11.04 9.92 -5.29
C VAL A 69 -12.20 10.89 -5.18
N THR A 70 -11.88 12.17 -5.06
CA THR A 70 -12.88 13.21 -5.00
C THR A 70 -12.53 14.25 -6.05
N THR A 71 -13.53 14.80 -6.73
CA THR A 71 -13.30 15.76 -7.79
C THR A 71 -13.93 17.12 -7.51
N CYS A 72 -13.29 18.17 -8.01
CA CYS A 72 -13.77 19.54 -7.89
C CYS A 72 -13.06 20.42 -8.92
N PHE A 73 -13.47 21.68 -8.99
CA PHE A 73 -12.95 22.62 -9.98
C PHE A 73 -12.37 23.87 -9.35
N TRP A 74 -11.30 24.37 -9.97
CA TRP A 74 -10.69 25.64 -9.60
C TRP A 74 -10.03 26.24 -10.86
N LYS A 75 -10.42 27.48 -11.17
CA LYS A 75 -9.89 28.23 -12.33
C LYS A 75 -9.84 27.40 -13.62
N ASP A 76 -10.96 26.78 -13.94
CA ASP A 76 -11.12 25.94 -15.15
C ASP A 76 -10.26 24.68 -15.17
N HIS A 77 -9.76 24.27 -14.00
CA HIS A 77 -8.96 23.05 -13.90
C HIS A 77 -9.68 21.99 -13.08
N ARG A 78 -9.58 20.74 -13.52
CA ARG A 78 -10.11 19.63 -12.74
C ARG A 78 -9.06 19.08 -11.79
N ILE A 79 -9.42 19.10 -10.50
CA ILE A 79 -8.54 18.63 -9.44
C ILE A 79 -9.11 17.34 -8.86
N ASN A 80 -8.36 16.26 -8.99
CA ASN A 80 -8.75 14.97 -8.42
C ASN A 80 -7.94 14.67 -7.18
N ILE A 81 -8.58 14.75 -6.02
CA ILE A 81 -7.90 14.57 -4.75
C ILE A 81 -7.87 13.09 -4.39
N ILE A 82 -6.76 12.45 -4.71
CA ILE A 82 -6.56 11.03 -4.43
C ILE A 82 -6.33 10.85 -2.93
N ASP A 83 -7.29 10.18 -2.28
CA ASP A 83 -7.30 10.08 -0.83
C ASP A 83 -6.16 9.22 -0.29
N ALA A 84 -5.25 9.88 0.44
CA ALA A 84 -4.15 9.21 1.14
C ALA A 84 -4.72 8.11 2.03
N PRO A 85 -4.07 6.94 2.04
CA PRO A 85 -4.59 5.77 2.74
C PRO A 85 -5.45 6.07 3.99
N GLY A 86 -4.93 6.69 5.07
CA GLY A 86 -3.53 7.07 5.27
C GLY A 86 -2.85 6.14 6.26
N HIS A 87 -1.98 6.69 7.12
CA HIS A 87 -1.13 5.90 8.03
C HIS A 87 -0.07 5.16 7.19
N VAL A 88 1.12 5.72 7.17
CA VAL A 88 2.13 5.43 6.12
C VAL A 88 2.84 4.07 6.18
N ASP A 89 2.56 3.29 7.21
CA ASP A 89 3.25 2.01 7.42
C ASP A 89 2.64 0.78 6.71
N PHE A 90 1.58 1.00 5.94
CA PHE A 90 1.03 -0.06 5.07
C PHE A 90 1.55 0.16 3.65
N THR A 91 2.80 -0.24 3.42
CA THR A 91 3.52 0.11 2.20
C THR A 91 3.12 -0.77 1.01
N ILE A 92 1.82 -0.95 0.85
CA ILE A 92 1.24 -1.66 -0.29
C ILE A 92 0.17 -0.75 -0.89
N GLU A 93 -0.64 -0.15 -0.02
CA GLU A 93 -1.65 0.82 -0.42
C GLU A 93 -1.04 2.19 -0.70
N VAL A 94 0.22 2.38 -0.34
CA VAL A 94 0.92 3.63 -0.57
C VAL A 94 1.56 3.62 -1.97
N GLU A 95 2.37 2.61 -2.24
CA GLU A 95 2.96 2.40 -3.57
C GLU A 95 1.88 2.45 -4.64
N ARG A 96 0.72 1.89 -4.33
CA ARG A 96 -0.39 1.82 -5.26
C ARG A 96 -1.02 3.20 -5.52
N SER A 97 -1.20 3.98 -4.45
CA SER A 97 -1.80 5.31 -4.57
C SER A 97 -0.83 6.37 -5.09
N MET A 98 0.47 6.09 -4.98
CA MET A 98 1.51 6.96 -5.53
C MET A 98 1.56 6.86 -7.06
N ARG A 99 1.24 5.68 -7.57
CA ARG A 99 1.18 5.47 -9.01
C ARG A 99 -0.08 6.12 -9.59
N VAL A 100 -1.11 6.24 -8.76
CA VAL A 100 -2.39 6.80 -9.17
C VAL A 100 -2.34 8.33 -9.25
N LEU A 101 -1.83 8.96 -8.20
CA LEU A 101 -1.65 10.41 -8.18
C LEU A 101 -0.47 10.85 -9.04
N ASP A 102 -0.41 12.15 -9.34
CA ASP A 102 0.64 12.73 -10.16
C ASP A 102 1.47 13.77 -9.41
N GLY A 103 0.81 14.65 -8.67
CA GLY A 103 1.48 15.62 -7.81
C GLY A 103 0.98 15.52 -6.38
N ALA A 104 1.79 16.01 -5.44
CA ALA A 104 1.42 15.97 -4.02
C ALA A 104 1.64 17.30 -3.28
N ILE A 105 0.75 17.59 -2.33
CA ILE A 105 0.95 18.66 -1.37
C ILE A 105 1.42 17.99 -0.09
N VAL A 106 2.60 18.36 0.39
CA VAL A 106 3.10 17.82 1.64
C VAL A 106 2.86 18.85 2.74
N VAL A 107 2.06 18.46 3.72
CA VAL A 107 1.61 19.38 4.77
C VAL A 107 2.45 19.21 6.02
N PHE A 108 2.94 20.33 6.54
CA PHE A 108 3.77 20.32 7.74
C PHE A 108 3.08 21.05 8.88
N ASP A 109 3.19 20.48 10.08
CA ASP A 109 2.74 21.13 11.31
C ASP A 109 3.85 22.04 11.80
N SER A 110 3.68 23.35 11.62
CA SER A 110 4.73 24.31 11.95
C SER A 110 4.81 24.67 13.44
N SER A 111 4.03 23.96 14.26
CA SER A 111 4.05 24.17 15.69
C SER A 111 5.23 23.41 16.33
N GLN A 112 5.12 22.08 16.37
CA GLN A 112 6.15 21.23 16.97
C GLN A 112 7.49 21.29 16.22
N GLY A 113 7.43 21.58 14.92
CA GLY A 113 8.60 21.65 14.06
C GLY A 113 8.48 20.69 12.90
N VAL A 114 9.50 19.86 12.70
CA VAL A 114 9.40 18.70 11.81
C VAL A 114 9.88 17.45 12.58
N GLU A 115 8.91 16.68 13.07
CA GLU A 115 9.15 15.50 13.88
C GLU A 115 9.59 14.33 13.00
N PRO A 116 10.24 13.30 13.60
CA PRO A 116 10.64 12.04 13.00
C PRO A 116 9.87 11.62 11.73
N GLN A 117 8.72 10.95 11.89
CA GLN A 117 7.99 10.35 10.75
C GLN A 117 7.63 11.33 9.64
N SER A 118 7.71 12.64 9.91
CA SER A 118 7.48 13.65 8.88
C SER A 118 8.48 13.46 7.73
N GLU A 119 9.64 12.90 8.06
CA GLU A 119 10.66 12.54 7.09
C GLU A 119 10.20 11.38 6.20
N THR A 120 9.58 10.39 6.84
CA THR A 120 9.08 9.19 6.16
C THR A 120 8.15 9.54 4.98
N VAL A 121 7.20 10.44 5.23
CA VAL A 121 6.24 10.85 4.20
C VAL A 121 6.93 11.56 3.03
N TRP A 122 8.07 12.19 3.32
CA TRP A 122 8.87 12.87 2.32
C TRP A 122 9.66 11.86 1.48
N ARG A 123 10.15 10.82 2.13
CA ARG A 123 10.97 9.79 1.46
C ARG A 123 10.16 9.02 0.43
N GLN A 124 8.86 8.91 0.69
CA GLN A 124 7.95 8.23 -0.20
C GLN A 124 7.80 8.99 -1.51
N ALA A 125 7.55 10.29 -1.41
CA ALA A 125 7.48 11.14 -2.60
C ALA A 125 8.76 11.00 -3.43
N GLU A 126 9.90 10.97 -2.74
CA GLU A 126 11.20 10.80 -3.40
C GLU A 126 11.28 9.46 -4.13
N LYS A 127 10.80 8.41 -3.45
CA LYS A 127 10.83 7.06 -3.97
C LYS A 127 10.12 6.94 -5.32
N TYR A 128 8.95 7.57 -5.44
CA TYR A 128 8.11 7.40 -6.61
C TYR A 128 8.16 8.56 -7.59
N LYS A 129 9.21 9.37 -7.46
CA LYS A 129 9.54 10.46 -8.39
C LYS A 129 8.37 11.39 -8.66
N VAL A 130 7.68 11.80 -7.59
CA VAL A 130 6.47 12.63 -7.69
C VAL A 130 6.72 14.08 -7.27
N PRO A 131 6.42 15.03 -8.17
CA PRO A 131 6.61 16.45 -7.89
C PRO A 131 5.71 16.91 -6.75
N ARG A 132 6.19 17.86 -5.96
CA ARG A 132 5.52 18.21 -4.72
C ARG A 132 5.68 19.69 -4.35
N ILE A 133 4.76 20.15 -3.51
CA ILE A 133 4.85 21.47 -2.90
C ILE A 133 4.60 21.31 -1.41
N ALA A 134 5.23 22.16 -0.61
CA ALA A 134 5.04 22.09 0.82
C ALA A 134 3.98 23.08 1.29
N PHE A 135 3.29 22.73 2.37
CA PHE A 135 2.32 23.63 2.98
C PHE A 135 2.46 23.70 4.49
N ALA A 136 2.96 24.83 4.97
CA ALA A 136 3.13 25.06 6.40
C ALA A 136 1.82 25.49 7.03
N ASN A 137 1.09 24.50 7.55
CA ASN A 137 -0.17 24.73 8.19
C ASN A 137 0.03 25.16 9.65
N LYS A 138 -1.00 25.77 10.22
CA LYS A 138 -1.09 26.16 11.63
C LYS A 138 -0.24 27.37 11.98
N MET A 139 -0.23 28.36 11.08
CA MET A 139 0.49 29.61 11.31
C MET A 139 -0.20 30.44 12.38
N ASP A 140 -1.36 29.97 12.81
CA ASP A 140 -2.15 30.66 13.83
C ASP A 140 -1.84 30.15 15.23
N LYS A 141 -1.36 28.92 15.34
CA LYS A 141 -1.12 28.28 16.63
C LYS A 141 0.17 28.79 17.27
N THR A 142 0.16 28.96 18.59
CA THR A 142 1.36 29.37 19.33
C THR A 142 2.45 28.32 19.11
N GLY A 143 3.63 28.77 18.69
CA GLY A 143 4.74 27.88 18.36
C GLY A 143 4.94 27.77 16.86
N ALA A 144 4.18 28.56 16.10
CA ALA A 144 4.23 28.55 14.65
C ALA A 144 5.49 29.24 14.13
N ASP A 145 6.48 28.43 13.78
CA ASP A 145 7.68 28.95 13.12
C ASP A 145 7.77 28.44 11.69
N LEU A 146 7.57 29.35 10.74
CA LEU A 146 7.71 29.04 9.31
C LEU A 146 9.14 28.59 8.97
N TRP A 147 10.12 29.28 9.53
CA TRP A 147 11.52 29.09 9.17
C TRP A 147 12.10 27.78 9.67
N LEU A 148 11.63 27.33 10.82
CA LEU A 148 12.03 26.02 11.35
C LEU A 148 11.68 24.92 10.36
N VAL A 149 10.57 25.09 9.66
CA VAL A 149 10.16 24.18 8.60
C VAL A 149 11.16 24.25 7.43
N ILE A 150 11.37 25.46 6.90
CA ILE A 150 12.22 25.67 5.72
C ILE A 150 13.62 25.10 5.91
N ARG A 151 14.21 25.36 7.07
CA ARG A 151 15.58 24.92 7.38
C ARG A 151 15.69 23.40 7.51
N THR A 152 14.68 22.77 8.11
CA THR A 152 14.65 21.31 8.26
C THR A 152 14.39 20.58 6.93
N MET A 153 13.80 21.28 5.97
CA MET A 153 13.63 20.76 4.63
C MET A 153 14.95 20.79 3.88
N GLN A 154 15.76 21.83 4.13
CA GLN A 154 17.08 21.97 3.51
C GLN A 154 18.02 20.90 4.04
N GLU A 155 18.00 20.72 5.35
CA GLU A 155 18.98 19.91 6.07
C GLU A 155 18.65 18.42 6.03
N ARG A 156 17.56 18.05 6.70
CA ARG A 156 17.21 16.66 6.87
C ARG A 156 16.64 16.07 5.59
N LEU A 157 15.63 16.73 5.03
CA LEU A 157 15.01 16.24 3.79
C LEU A 157 15.90 16.40 2.56
N GLY A 158 16.64 17.50 2.50
CA GLY A 158 17.42 17.85 1.30
C GLY A 158 16.51 18.26 0.15
N ALA A 159 15.54 19.13 0.46
CA ALA A 159 14.44 19.43 -0.45
C ALA A 159 14.65 20.66 -1.35
N ARG A 160 15.72 21.43 -1.09
CA ARG A 160 15.91 22.75 -1.68
C ARG A 160 14.59 23.52 -1.83
N PRO A 161 14.06 24.02 -0.71
CA PRO A 161 12.82 24.78 -0.73
C PRO A 161 12.99 26.15 -1.35
N VAL A 162 11.93 26.63 -2.01
CA VAL A 162 11.85 28.03 -2.46
C VAL A 162 10.64 28.71 -1.84
N VAL A 163 10.91 29.78 -1.08
CA VAL A 163 9.90 30.53 -0.34
C VAL A 163 9.00 31.36 -1.26
N MET A 164 7.70 31.07 -1.21
CA MET A 164 6.73 31.67 -2.12
C MET A 164 5.87 32.73 -1.43
N GLN A 165 5.78 32.65 -0.11
CA GLN A 165 4.99 33.60 0.67
C GLN A 165 5.49 33.82 2.09
N LEU A 166 5.10 34.95 2.66
CA LEU A 166 5.53 35.39 3.99
C LEU A 166 4.32 35.72 4.85
N PRO A 167 4.40 35.43 6.17
CA PRO A 167 3.26 35.70 7.05
C PRO A 167 3.17 37.16 7.42
N ILE A 168 1.95 37.62 7.71
CA ILE A 168 1.73 38.94 8.28
C ILE A 168 1.12 38.78 9.67
N GLY A 169 1.86 39.21 10.69
CA GLY A 169 1.47 38.97 12.08
C GLY A 169 2.08 37.69 12.60
N ARG A 170 2.08 37.53 13.92
CA ARG A 170 2.82 36.44 14.56
C ARG A 170 2.00 35.15 14.69
N GLU A 171 1.42 34.91 15.87
CA GLU A 171 0.73 33.66 16.16
C GLU A 171 -0.78 33.85 16.09
N ASP A 172 -1.36 34.40 17.15
CA ASP A 172 -2.78 34.73 17.22
C ASP A 172 -3.10 36.00 16.43
N THR A 173 -2.07 36.79 16.13
CA THR A 173 -2.22 38.01 15.34
C THR A 173 -1.96 37.73 13.85
N PHE A 174 -1.80 36.46 13.49
CA PHE A 174 -1.63 36.07 12.09
C PHE A 174 -2.87 36.45 11.30
N SER A 175 -2.71 37.43 10.42
CA SER A 175 -3.84 38.11 9.82
C SER A 175 -3.66 38.42 8.33
N GLY A 176 -2.52 38.00 7.77
CA GLY A 176 -2.25 38.21 6.34
C GLY A 176 -1.15 37.35 5.74
N ILE A 177 -1.11 37.29 4.41
CA ILE A 177 -0.12 36.49 3.69
C ILE A 177 0.35 37.23 2.43
N ILE A 178 1.67 37.33 2.27
CA ILE A 178 2.29 37.99 1.13
C ILE A 178 2.71 36.97 0.09
N ASP A 179 2.31 37.17 -1.17
CA ASP A 179 2.84 36.36 -2.27
C ASP A 179 4.04 37.08 -2.86
N VAL A 180 5.22 36.55 -2.62
CA VAL A 180 6.48 37.24 -2.95
C VAL A 180 6.79 37.28 -4.46
N LEU A 181 6.25 36.33 -5.21
CA LEU A 181 6.52 36.21 -6.65
C LEU A 181 5.85 37.33 -7.46
N ARG A 182 4.60 37.64 -7.09
CA ARG A 182 3.82 38.68 -7.75
C ARG A 182 3.90 40.00 -6.98
N MET A 183 4.48 39.92 -5.78
CA MET A 183 4.63 41.08 -4.89
C MET A 183 3.30 41.73 -4.53
N LYS A 184 2.46 40.95 -3.86
CA LYS A 184 1.17 41.44 -3.35
C LYS A 184 0.81 40.67 -2.09
N ALA A 185 -0.13 41.20 -1.31
CA ALA A 185 -0.51 40.58 -0.04
C ALA A 185 -2.02 40.52 0.17
N TYR A 186 -2.43 39.68 1.12
CA TYR A 186 -3.85 39.44 1.36
C TYR A 186 -4.16 39.52 2.85
N THR A 187 -5.00 40.49 3.22
CA THR A 187 -5.47 40.57 4.61
C THR A 187 -6.75 39.78 4.75
N TYR A 188 -6.92 39.13 5.91
CA TYR A 188 -8.12 38.37 6.20
C TYR A 188 -8.92 39.01 7.36
N GLY A 189 -10.15 39.42 7.05
CA GLY A 189 -11.02 40.09 8.03
C GLY A 189 -11.41 39.22 9.21
N ASN A 190 -11.95 38.04 8.92
CA ASN A 190 -12.36 37.10 9.95
C ASN A 190 -11.54 35.83 9.92
N ASP A 191 -12.09 34.76 10.49
CA ASP A 191 -11.45 33.45 10.53
C ASP A 191 -12.43 32.39 10.01
N LEU A 192 -13.29 32.81 9.09
CA LEU A 192 -14.32 31.93 8.51
C LEU A 192 -14.15 31.81 7.00
N GLY A 193 -13.16 32.51 6.45
CA GLY A 193 -12.88 32.49 5.02
C GLY A 193 -14.00 33.11 4.22
N THR A 194 -14.42 34.30 4.65
CA THR A 194 -15.51 35.00 4.00
C THR A 194 -15.21 36.50 3.86
N ASP A 195 -13.94 36.87 4.05
CA ASP A 195 -13.49 38.24 3.85
C ASP A 195 -12.02 38.19 3.41
N ILE A 196 -11.79 38.38 2.13
CA ILE A 196 -10.43 38.37 1.58
C ILE A 196 -10.16 39.60 0.73
N ARG A 197 -9.16 40.38 1.15
CA ARG A 197 -8.87 41.65 0.50
C ARG A 197 -7.42 41.72 0.04
N GLU A 198 -7.22 42.13 -1.22
CA GLU A 198 -5.89 42.33 -1.76
C GLU A 198 -5.35 43.68 -1.31
N ILE A 199 -4.32 43.66 -0.47
CA ILE A 199 -3.70 44.89 0.02
C ILE A 199 -2.26 45.07 -0.49
N PRO A 200 -1.80 46.33 -0.63
CA PRO A 200 -0.37 46.56 -0.84
C PRO A 200 0.43 46.13 0.40
N ILE A 201 1.66 45.71 0.19
CA ILE A 201 2.49 45.14 1.26
C ILE A 201 2.81 46.17 2.35
N PRO A 202 2.47 45.86 3.62
CA PRO A 202 2.82 46.69 4.77
C PRO A 202 4.31 47.05 4.80
N GLU A 203 4.60 48.29 5.20
CA GLU A 203 5.98 48.78 5.23
C GLU A 203 6.87 47.91 6.10
N GLU A 204 6.29 47.42 7.20
CA GLU A 204 6.99 46.58 8.17
C GLU A 204 7.40 45.22 7.59
N TYR A 205 7.00 44.98 6.33
CA TYR A 205 7.27 43.69 5.68
C TYR A 205 7.86 43.82 4.27
N LEU A 206 7.89 45.04 3.73
CA LEU A 206 8.33 45.29 2.35
C LEU A 206 9.79 44.93 2.04
N ASP A 207 10.68 45.10 3.01
CA ASP A 207 12.09 44.76 2.83
C ASP A 207 12.35 43.26 2.79
N GLN A 208 11.75 42.54 3.75
CA GLN A 208 11.82 41.08 3.80
C GLN A 208 11.23 40.44 2.54
N ALA A 209 10.13 40.99 2.04
CA ALA A 209 9.52 40.53 0.81
C ALA A 209 10.44 40.72 -0.38
N ARG A 210 11.05 41.91 -0.48
CA ARG A 210 11.96 42.25 -1.56
C ARG A 210 13.18 41.33 -1.55
N GLU A 211 13.67 41.01 -0.35
CA GLU A 211 14.77 40.06 -0.19
C GLU A 211 14.42 38.73 -0.80
N TYR A 212 13.28 38.17 -0.42
CA TYR A 212 12.86 36.84 -0.86
C TYR A 212 12.39 36.77 -2.31
N HIS A 213 11.89 37.89 -2.84
CA HIS A 213 11.51 37.98 -4.24
C HIS A 213 12.74 37.88 -5.14
N GLU A 214 13.77 38.63 -4.79
CA GLU A 214 15.07 38.58 -5.47
C GLU A 214 15.61 37.15 -5.44
N LYS A 215 15.50 36.53 -4.27
CA LYS A 215 15.92 35.16 -4.02
C LYS A 215 15.19 34.17 -4.92
N LEU A 216 13.88 34.42 -5.10
CA LEU A 216 13.03 33.59 -5.94
C LEU A 216 13.43 33.64 -7.41
N VAL A 217 13.77 34.84 -7.89
CA VAL A 217 14.20 35.05 -9.28
C VAL A 217 15.47 34.26 -9.55
N GLU A 218 16.40 34.33 -8.59
CA GLU A 218 17.66 33.61 -8.64
C GLU A 218 17.44 32.10 -8.85
N VAL A 219 16.43 31.55 -8.17
CA VAL A 219 16.08 30.13 -8.30
C VAL A 219 15.54 29.81 -9.70
N ALA A 220 14.74 30.72 -10.25
CA ALA A 220 14.18 30.55 -11.59
C ALA A 220 15.25 30.61 -12.68
N ALA A 221 16.30 31.38 -12.42
CA ALA A 221 17.41 31.55 -13.36
C ALA A 221 18.10 30.24 -13.71
N ASP A 222 18.06 29.27 -12.79
CA ASP A 222 18.67 27.96 -13.00
C ASP A 222 17.94 27.14 -14.05
N PHE A 223 16.72 27.54 -14.40
CA PHE A 223 15.87 26.75 -15.29
C PHE A 223 15.46 27.46 -16.59
N ASP A 224 15.82 28.74 -16.70
CA ASP A 224 15.57 29.50 -17.91
C ASP A 224 16.74 30.41 -18.25
N GLU A 225 17.32 30.19 -19.43
CA GLU A 225 18.37 31.04 -19.96
C GLU A 225 17.91 32.49 -20.12
N ASN A 226 16.67 32.65 -20.57
CA ASN A 226 16.05 33.97 -20.71
C ASN A 226 15.94 34.71 -19.39
N ILE A 227 15.57 33.98 -18.34
CA ILE A 227 15.52 34.54 -17.00
C ILE A 227 16.93 34.86 -16.50
N MET A 228 17.85 33.93 -16.74
CA MET A 228 19.26 34.14 -16.41
C MET A 228 19.78 35.48 -16.96
N LEU A 229 19.69 35.64 -18.29
CA LEU A 229 20.21 36.83 -19.00
C LEU A 229 19.52 38.14 -18.64
N LYS A 230 18.33 38.06 -18.04
CA LYS A 230 17.63 39.25 -17.55
C LYS A 230 18.05 39.55 -16.11
N TYR A 231 18.19 38.50 -15.30
CA TYR A 231 18.60 38.60 -13.90
C TYR A 231 20.01 39.15 -13.76
N LEU A 232 20.85 38.85 -14.76
CA LEU A 232 22.17 39.44 -14.87
C LEU A 232 22.03 40.93 -15.21
N GLU A 233 21.16 41.22 -16.17
CA GLU A 233 21.00 42.57 -16.73
C GLU A 233 20.26 43.54 -15.79
N GLY A 234 19.63 42.99 -14.76
CA GLY A 234 18.93 43.81 -13.76
C GLY A 234 17.43 43.95 -13.96
N GLU A 235 16.95 43.56 -15.14
CA GLU A 235 15.52 43.68 -15.48
C GLU A 235 14.68 42.59 -14.82
N GLU A 236 13.58 42.99 -14.18
CA GLU A 236 12.62 42.07 -13.57
C GLU A 236 11.78 41.35 -14.63
N PRO A 237 11.74 40.01 -14.58
CA PRO A 237 10.98 39.20 -15.55
C PRO A 237 9.47 39.25 -15.32
N THR A 238 8.71 38.73 -16.29
CA THR A 238 7.25 38.69 -16.19
C THR A 238 6.83 37.50 -15.31
N GLU A 239 5.57 37.54 -14.86
CA GLU A 239 4.97 36.44 -14.10
C GLU A 239 4.95 35.13 -14.89
N GLU A 240 4.43 35.19 -16.12
CA GLU A 240 4.38 34.01 -16.98
C GLU A 240 5.73 33.32 -17.06
N GLU A 241 6.80 34.11 -17.10
CA GLU A 241 8.17 33.61 -17.20
C GLU A 241 8.61 32.85 -15.94
N LEU A 242 8.45 33.50 -14.79
CA LEU A 242 8.82 32.91 -13.52
C LEU A 242 7.96 31.68 -13.20
N VAL A 243 6.64 31.85 -13.26
CA VAL A 243 5.69 30.76 -13.03
C VAL A 243 6.05 29.53 -13.85
N ALA A 244 6.36 29.73 -15.12
CA ALA A 244 6.73 28.64 -16.03
C ALA A 244 8.01 27.92 -15.62
N ALA A 245 9.01 28.68 -15.16
CA ALA A 245 10.29 28.13 -14.75
C ALA A 245 10.26 27.46 -13.37
N ILE A 246 9.60 28.13 -12.42
CA ILE A 246 9.41 27.59 -11.07
C ILE A 246 8.57 26.32 -11.11
N ARG A 247 7.68 26.24 -12.10
CA ARG A 247 6.88 25.04 -12.37
C ARG A 247 7.74 23.95 -13.00
N LYS A 248 8.64 24.35 -13.89
CA LYS A 248 9.53 23.41 -14.56
C LYS A 248 10.45 22.75 -13.53
N GLY A 249 10.93 23.54 -12.58
CA GLY A 249 11.80 23.06 -11.52
C GLY A 249 11.11 22.09 -10.58
N THR A 250 9.79 22.21 -10.47
CA THR A 250 9.02 21.36 -9.55
C THR A 250 8.75 19.99 -10.16
N ILE A 251 8.35 19.99 -11.42
CA ILE A 251 8.02 18.76 -12.16
C ILE A 251 9.27 17.91 -12.38
N ASP A 252 10.43 18.57 -12.46
CA ASP A 252 11.70 17.89 -12.66
C ASP A 252 12.37 17.48 -11.34
N LEU A 253 11.62 17.57 -10.24
CA LEU A 253 12.05 17.12 -8.89
C LEU A 253 13.28 17.85 -8.33
N LYS A 254 13.49 19.10 -8.74
CA LYS A 254 14.69 19.84 -8.37
C LYS A 254 14.43 20.82 -7.23
N ILE A 255 13.27 21.48 -7.26
CA ILE A 255 12.89 22.43 -6.20
C ILE A 255 11.53 22.09 -5.60
N THR A 256 11.26 22.65 -4.42
CA THR A 256 9.98 22.48 -3.74
C THR A 256 9.48 23.84 -3.23
N PRO A 257 8.46 24.39 -3.91
CA PRO A 257 7.78 25.60 -3.45
C PRO A 257 7.10 25.40 -2.08
N VAL A 258 7.19 26.41 -1.23
CA VAL A 258 6.60 26.34 0.11
C VAL A 258 5.49 27.38 0.30
N PHE A 259 4.34 26.94 0.80
CA PHE A 259 3.20 27.83 1.05
C PHE A 259 2.71 27.69 2.50
N LEU A 260 2.10 28.74 3.04
CA LEU A 260 1.62 28.69 4.45
C LEU A 260 0.21 29.20 4.73
N GLY A 261 -0.23 28.99 5.96
CA GLY A 261 -1.48 29.57 6.44
C GLY A 261 -2.16 28.72 7.49
N SER A 262 -3.37 29.12 7.88
CA SER A 262 -4.16 28.34 8.80
C SER A 262 -5.38 27.78 8.10
N ALA A 263 -5.44 26.46 8.03
CA ALA A 263 -6.59 25.77 7.45
C ALA A 263 -7.80 25.90 8.37
N LEU A 264 -7.57 25.76 9.67
CA LEU A 264 -8.65 25.91 10.65
C LEU A 264 -9.26 27.31 10.61
N LYS A 265 -8.39 28.33 10.69
CA LYS A 265 -8.83 29.72 10.72
C LYS A 265 -9.04 30.25 9.32
N ASN A 266 -9.26 29.34 8.37
CA ASN A 266 -9.48 29.68 6.97
C ASN A 266 -8.62 30.84 6.44
N LYS A 267 -7.31 30.62 6.40
CA LYS A 267 -6.37 31.60 5.85
C LYS A 267 -5.35 30.97 4.90
N GLY A 268 -5.40 31.39 3.64
CA GLY A 268 -4.40 31.02 2.64
C GLY A 268 -4.67 29.74 1.87
N VAL A 269 -5.88 29.19 2.03
CA VAL A 269 -6.21 27.91 1.37
C VAL A 269 -6.52 28.11 -0.12
N GLN A 270 -7.11 29.26 -0.46
CA GLN A 270 -7.35 29.63 -1.86
C GLN A 270 -6.03 29.79 -2.64
N LEU A 271 -5.02 30.35 -1.97
CA LEU A 271 -3.70 30.55 -2.57
C LEU A 271 -2.98 29.21 -2.78
N LEU A 272 -3.22 28.28 -1.85
CA LEU A 272 -2.79 26.89 -2.01
C LEU A 272 -3.45 26.26 -3.23
N LEU A 273 -4.74 26.54 -3.44
CA LEU A 273 -5.42 26.07 -4.63
C LEU A 273 -4.80 26.63 -5.91
N ASP A 274 -4.43 27.92 -5.85
CA ASP A 274 -3.78 28.57 -6.97
C ASP A 274 -2.44 27.91 -7.27
N ALA A 275 -1.72 27.57 -6.21
CA ALA A 275 -0.43 26.90 -6.31
C ALA A 275 -0.55 25.55 -7.01
N VAL A 276 -1.66 24.86 -6.75
CA VAL A 276 -1.91 23.56 -7.36
C VAL A 276 -2.00 23.66 -8.88
N VAL A 277 -2.78 24.62 -9.39
CA VAL A 277 -2.92 24.78 -10.84
C VAL A 277 -1.67 25.38 -11.47
N ASP A 278 -0.83 26.02 -10.67
CA ASP A 278 0.36 26.67 -11.18
C ASP A 278 1.55 25.72 -11.33
N TYR A 279 1.99 25.12 -10.23
CA TYR A 279 3.26 24.40 -10.22
C TYR A 279 3.14 22.88 -10.29
N LEU A 280 2.02 22.33 -9.85
CA LEU A 280 1.80 20.87 -9.88
C LEU A 280 1.53 20.32 -11.29
N PRO A 281 2.08 19.12 -11.61
CA PRO A 281 2.03 18.52 -12.96
C PRO A 281 0.67 18.03 -13.43
N SER A 282 0.42 18.16 -14.73
CA SER A 282 -0.72 17.52 -15.38
C SER A 282 -0.25 16.15 -15.90
N PRO A 283 -1.19 15.30 -16.36
CA PRO A 283 -0.81 13.92 -16.73
C PRO A 283 0.13 13.89 -17.94
N LEU A 284 0.21 15.01 -18.65
CA LEU A 284 1.06 15.14 -19.81
C LEU A 284 2.51 15.39 -19.41
N ASP A 285 2.71 15.93 -18.21
CA ASP A 285 4.01 16.47 -17.80
C ASP A 285 4.95 15.45 -17.14
N ILE A 286 4.43 14.28 -16.78
CA ILE A 286 5.21 13.27 -16.07
C ILE A 286 5.70 12.14 -16.98
N PRO A 287 6.70 11.36 -16.52
CA PRO A 287 7.10 10.16 -17.27
C PRO A 287 5.97 9.12 -17.34
N PRO A 288 5.73 8.56 -18.54
CA PRO A 288 4.66 7.60 -18.79
C PRO A 288 4.80 6.32 -17.96
N ILE A 289 3.68 5.84 -17.41
CA ILE A 289 3.66 4.63 -16.60
C ILE A 289 4.18 3.45 -17.42
N LYS A 290 5.05 2.66 -16.80
CA LYS A 290 5.60 1.49 -17.48
C LYS A 290 4.83 0.22 -17.11
N GLY A 291 4.41 -0.51 -18.14
CA GLY A 291 3.71 -1.79 -17.97
C GLY A 291 4.44 -2.94 -18.64
N THR A 292 3.94 -4.15 -18.41
CA THR A 292 4.58 -5.36 -18.93
C THR A 292 3.64 -6.14 -19.87
N THR A 293 4.17 -6.58 -21.01
CA THR A 293 3.41 -7.39 -21.97
C THR A 293 3.21 -8.82 -21.43
N PRO A 294 2.47 -9.69 -22.15
CA PRO A 294 2.35 -11.06 -21.65
C PRO A 294 3.62 -11.87 -21.88
N GLU A 295 4.59 -11.28 -22.56
CA GLU A 295 5.86 -11.93 -22.91
C GLU A 295 7.03 -11.50 -22.00
N GLY A 296 6.80 -10.48 -21.18
CA GLY A 296 7.83 -9.96 -20.26
C GLY A 296 8.52 -8.69 -20.76
N GLU A 297 8.08 -8.19 -21.92
CA GLU A 297 8.61 -6.96 -22.50
C GLU A 297 8.11 -5.75 -21.70
N VAL A 298 8.97 -4.73 -21.60
CA VAL A 298 8.63 -3.51 -20.86
C VAL A 298 8.19 -2.39 -21.82
N VAL A 299 6.94 -1.98 -21.71
CA VAL A 299 6.38 -0.93 -22.57
C VAL A 299 6.06 0.35 -21.81
N GLU A 300 6.35 1.48 -22.44
CA GLU A 300 5.95 2.79 -21.92
C GLU A 300 4.58 3.14 -22.48
N ILE A 301 3.56 3.02 -21.63
CA ILE A 301 2.19 3.32 -22.03
C ILE A 301 1.96 4.82 -22.06
N HIS A 302 1.64 5.32 -23.25
CA HIS A 302 1.49 6.75 -23.49
C HIS A 302 0.06 7.25 -23.19
N PRO A 303 -0.05 8.43 -22.56
CA PRO A 303 -1.34 9.01 -22.22
C PRO A 303 -2.08 9.62 -23.43
N ASP A 304 -2.51 8.76 -24.35
CA ASP A 304 -3.30 9.20 -25.50
C ASP A 304 -4.73 8.71 -25.38
N PRO A 305 -5.71 9.64 -25.39
CA PRO A 305 -7.11 9.27 -25.22
C PRO A 305 -7.67 8.44 -26.38
N ASN A 306 -7.08 8.61 -27.56
CA ASN A 306 -7.53 7.91 -28.76
C ASN A 306 -6.97 6.50 -28.88
N GLY A 307 -5.83 6.26 -28.23
CA GLY A 307 -5.16 4.97 -28.28
C GLY A 307 -5.88 3.86 -27.53
N PRO A 308 -5.26 2.69 -27.41
CA PRO A 308 -5.87 1.56 -26.68
C PRO A 308 -6.03 1.83 -25.20
N LEU A 309 -7.03 1.21 -24.58
CA LEU A 309 -7.34 1.41 -23.17
C LEU A 309 -6.44 0.60 -22.24
N ALA A 310 -5.89 1.27 -21.23
CA ALA A 310 -5.20 0.64 -20.12
C ALA A 310 -5.57 1.40 -18.85
N ALA A 311 -6.10 0.69 -17.87
CA ALA A 311 -6.57 1.33 -16.65
C ALA A 311 -6.28 0.51 -15.41
N LEU A 312 -5.99 1.19 -14.30
CA LEU A 312 -5.67 0.53 -13.05
C LEU A 312 -6.84 0.62 -12.07
N ALA A 313 -7.07 -0.45 -11.32
CA ALA A 313 -8.07 -0.43 -10.24
C ALA A 313 -7.34 -0.41 -8.90
N PHE A 314 -7.77 0.44 -7.97
CA PHE A 314 -7.00 0.66 -6.73
C PHE A 314 -7.78 0.77 -5.41
N LYS A 315 -9.11 0.81 -5.48
CA LYS A 315 -9.94 0.81 -4.27
C LYS A 315 -11.29 0.16 -4.52
N ILE A 316 -11.63 -0.80 -3.67
CA ILE A 316 -12.92 -1.47 -3.72
C ILE A 316 -13.70 -1.09 -2.47
N MET A 317 -14.74 -0.28 -2.66
CA MET A 317 -15.54 0.25 -1.57
C MET A 317 -16.90 -0.42 -1.52
N ALA A 318 -17.49 -0.47 -0.33
CA ALA A 318 -18.88 -0.86 -0.19
C ALA A 318 -19.69 0.40 0.05
N ASP A 319 -20.57 0.72 -0.91
CA ASP A 319 -21.40 1.93 -0.82
C ASP A 319 -22.85 1.60 -0.43
N PRO A 320 -23.37 2.31 0.59
CA PRO A 320 -24.75 2.20 1.09
C PRO A 320 -25.83 2.08 0.02
N TYR A 321 -25.81 2.93 -1.01
CA TYR A 321 -26.86 2.86 -2.02
C TYR A 321 -26.43 2.97 -3.50
N VAL A 322 -25.55 2.05 -3.91
CA VAL A 322 -25.29 1.77 -5.33
C VAL A 322 -24.68 0.37 -5.51
N GLY A 323 -24.05 -0.12 -4.44
CA GLY A 323 -23.44 -1.46 -4.43
C GLY A 323 -21.94 -1.40 -4.28
N ARG A 324 -21.24 -2.30 -4.98
CA ARG A 324 -19.78 -2.31 -5.00
C ARG A 324 -19.25 -1.22 -5.93
N LEU A 325 -18.35 -0.40 -5.41
CA LEU A 325 -17.64 0.62 -6.20
C LEU A 325 -16.17 0.27 -6.33
N THR A 326 -15.67 0.23 -7.56
CA THR A 326 -14.28 -0.04 -7.81
C THR A 326 -13.62 1.12 -8.55
N PHE A 327 -12.68 1.77 -7.86
CA PHE A 327 -12.08 3.03 -8.31
C PHE A 327 -10.94 2.80 -9.28
N ILE A 328 -10.98 3.51 -10.41
CA ILE A 328 -9.99 3.30 -11.46
C ILE A 328 -9.20 4.57 -11.82
N ARG A 329 -7.98 4.36 -12.29
CA ARG A 329 -7.19 5.38 -12.96
C ARG A 329 -6.99 4.95 -14.41
N VAL A 330 -7.35 5.84 -15.33
CA VAL A 330 -7.15 5.58 -16.75
C VAL A 330 -5.81 6.16 -17.18
N TYR A 331 -5.01 5.35 -17.88
CA TYR A 331 -3.70 5.77 -18.34
C TYR A 331 -3.64 6.10 -19.82
N SER A 332 -4.26 5.24 -20.65
CA SER A 332 -4.38 5.51 -22.08
C SER A 332 -5.75 5.09 -22.58
N GLY A 333 -6.24 5.76 -23.61
CA GLY A 333 -7.52 5.43 -24.21
C GLY A 333 -8.69 5.93 -23.39
N THR A 334 -9.84 5.29 -23.57
CA THR A 334 -11.09 5.72 -22.97
C THR A 334 -11.85 4.55 -22.36
N LEU A 335 -12.31 4.72 -21.13
CA LEU A 335 -13.24 3.78 -20.53
C LEU A 335 -14.64 4.34 -20.72
N THR A 336 -15.42 3.66 -21.54
CA THR A 336 -16.75 4.13 -21.93
C THR A 336 -17.85 3.37 -21.18
N SER A 337 -18.76 4.11 -20.56
CA SER A 337 -19.84 3.52 -19.76
C SER A 337 -20.74 2.63 -20.61
N GLY A 338 -21.17 1.51 -20.04
CA GLY A 338 -21.97 0.54 -20.77
C GLY A 338 -21.19 -0.13 -21.88
N SER A 339 -20.10 -0.79 -21.52
CA SER A 339 -19.29 -1.55 -22.47
C SER A 339 -18.61 -2.72 -21.79
N TYR A 340 -17.61 -3.29 -22.46
CA TYR A 340 -16.83 -4.38 -21.91
C TYR A 340 -15.37 -4.01 -21.81
N VAL A 341 -14.71 -4.59 -20.81
CA VAL A 341 -13.27 -4.44 -20.63
C VAL A 341 -12.65 -5.80 -20.41
N TYR A 342 -11.37 -5.94 -20.74
CA TYR A 342 -10.65 -7.19 -20.50
C TYR A 342 -9.73 -7.06 -19.29
N ASN A 343 -9.82 -8.06 -18.41
CA ASN A 343 -9.10 -8.05 -17.14
C ASN A 343 -7.87 -8.95 -17.21
N THR A 344 -6.75 -8.36 -17.63
CA THR A 344 -5.49 -9.09 -17.89
C THR A 344 -4.99 -9.95 -16.72
N THR A 345 -5.29 -9.51 -15.49
CA THR A 345 -4.90 -10.23 -14.29
C THR A 345 -5.71 -11.53 -14.14
N LYS A 346 -7.04 -11.41 -14.23
CA LYS A 346 -7.93 -12.56 -14.05
C LYS A 346 -8.24 -13.31 -15.35
N GLY A 347 -7.96 -12.69 -16.48
CA GLY A 347 -8.18 -13.28 -17.80
C GLY A 347 -9.64 -13.48 -18.21
N ARG A 348 -10.51 -12.52 -17.85
CA ARG A 348 -11.94 -12.63 -18.21
C ARG A 348 -12.61 -11.31 -18.61
N LYS A 349 -13.79 -11.44 -19.20
CA LYS A 349 -14.64 -10.29 -19.55
C LYS A 349 -15.27 -9.68 -18.30
N GLU A 350 -15.45 -8.37 -18.32
CA GLU A 350 -16.13 -7.63 -17.27
C GLU A 350 -17.02 -6.56 -17.89
N ARG A 351 -18.24 -6.44 -17.35
CA ARG A 351 -19.23 -5.50 -17.85
C ARG A 351 -19.21 -4.20 -17.04
N VAL A 352 -18.71 -3.12 -17.65
CA VAL A 352 -18.78 -1.81 -17.04
C VAL A 352 -20.18 -1.24 -17.22
N ALA A 353 -20.90 -1.13 -16.11
CA ALA A 353 -22.28 -0.67 -16.15
C ALA A 353 -22.31 0.84 -16.21
N ARG A 354 -22.05 1.48 -15.08
CA ARG A 354 -22.11 2.92 -14.95
C ARG A 354 -20.79 3.47 -14.47
N LEU A 355 -20.58 4.76 -14.72
CA LEU A 355 -19.39 5.46 -14.27
C LEU A 355 -19.80 6.65 -13.42
N LEU A 356 -19.02 6.93 -12.38
CA LEU A 356 -19.32 8.02 -11.45
C LEU A 356 -18.11 8.87 -11.09
N ARG A 357 -18.36 10.15 -10.84
CA ARG A 357 -17.39 11.03 -10.21
C ARG A 357 -17.91 11.39 -8.83
N MET A 358 -17.02 11.38 -7.85
CA MET A 358 -17.40 11.71 -6.47
C MET A 358 -17.14 13.17 -6.18
N HIS A 359 -18.20 13.88 -5.80
CA HIS A 359 -18.10 15.27 -5.41
C HIS A 359 -18.24 15.40 -3.90
N ALA A 360 -18.07 16.61 -3.39
CA ALA A 360 -18.14 16.86 -1.95
C ALA A 360 -19.42 16.30 -1.30
N ASN A 361 -20.58 16.65 -1.85
CA ASN A 361 -21.86 16.25 -1.26
C ASN A 361 -22.86 15.69 -2.26
N HIS A 362 -22.35 15.03 -3.30
CA HIS A 362 -23.19 14.32 -4.27
C HIS A 362 -22.38 13.46 -5.23
N ARG A 363 -23.08 12.63 -5.98
CA ARG A 363 -22.48 11.77 -6.99
C ARG A 363 -22.88 12.25 -8.39
N GLU A 364 -21.94 12.23 -9.32
CA GLU A 364 -22.21 12.56 -10.70
C GLU A 364 -22.03 11.33 -11.59
N GLU A 365 -23.05 11.05 -12.40
CA GLU A 365 -22.97 9.98 -13.38
C GLU A 365 -22.35 10.52 -14.66
N VAL A 366 -21.38 9.79 -15.23
CA VAL A 366 -20.69 10.24 -16.45
C VAL A 366 -20.74 9.20 -17.57
N GLU A 367 -20.56 9.68 -18.80
CA GLU A 367 -20.67 8.85 -20.00
C GLU A 367 -19.37 8.15 -20.39
N GLU A 368 -18.24 8.74 -19.98
CA GLU A 368 -16.91 8.18 -20.26
C GLU A 368 -15.83 8.79 -19.37
N LEU A 369 -14.82 7.99 -19.06
CA LEU A 369 -13.62 8.45 -18.40
C LEU A 369 -12.46 8.30 -19.38
N LYS A 370 -11.84 9.43 -19.73
CA LYS A 370 -10.78 9.42 -20.74
C LYS A 370 -9.40 9.30 -20.11
N ALA A 371 -8.37 9.35 -20.95
CA ALA A 371 -6.98 9.10 -20.54
C ALA A 371 -6.43 10.18 -19.60
N GLY A 372 -6.16 9.79 -18.36
CA GLY A 372 -5.58 10.69 -17.37
C GLY A 372 -6.49 11.00 -16.21
N ASP A 373 -7.77 10.70 -16.37
CA ASP A 373 -8.75 11.00 -15.33
C ASP A 373 -9.01 9.80 -14.40
N LEU A 374 -9.92 9.98 -13.44
CA LEU A 374 -10.22 8.99 -12.43
C LEU A 374 -11.66 9.11 -11.98
N GLY A 375 -12.23 7.97 -11.58
CA GLY A 375 -13.58 7.91 -11.05
C GLY A 375 -13.80 6.54 -10.45
N ALA A 376 -15.06 6.09 -10.42
CA ALA A 376 -15.37 4.76 -9.93
C ALA A 376 -16.38 4.11 -10.86
N VAL A 377 -16.27 2.80 -11.05
CA VAL A 377 -17.19 2.07 -11.91
C VAL A 377 -18.24 1.34 -11.09
N VAL A 378 -19.38 1.05 -11.74
CA VAL A 378 -20.45 0.27 -11.14
C VAL A 378 -20.54 -1.08 -11.85
N GLY A 379 -20.75 -2.14 -11.08
CA GLY A 379 -20.66 -3.49 -11.61
C GLY A 379 -19.26 -4.00 -11.33
N LEU A 380 -18.67 -4.67 -12.32
CA LEU A 380 -17.34 -5.27 -12.17
C LEU A 380 -17.30 -6.27 -11.01
N LYS A 381 -17.91 -7.43 -11.25
CA LYS A 381 -18.11 -8.44 -10.22
C LYS A 381 -16.80 -9.04 -9.72
N GLU A 382 -15.89 -9.34 -10.64
CA GLU A 382 -14.72 -10.19 -10.37
C GLU A 382 -13.40 -9.45 -10.17
N THR A 383 -13.40 -8.14 -10.37
CA THR A 383 -12.18 -7.32 -10.27
C THR A 383 -11.77 -6.98 -8.83
N ILE A 384 -10.49 -7.12 -8.53
CA ILE A 384 -9.93 -6.79 -7.21
C ILE A 384 -8.94 -5.65 -7.29
N THR A 385 -8.77 -4.93 -6.18
CA THR A 385 -7.82 -3.82 -6.10
C THR A 385 -6.41 -4.25 -6.51
N GLY A 386 -5.88 -3.60 -7.55
CA GLY A 386 -4.55 -3.90 -8.08
C GLY A 386 -4.54 -4.52 -9.47
N ASP A 387 -5.73 -4.74 -10.03
CA ASP A 387 -5.87 -5.36 -11.35
C ASP A 387 -5.82 -4.33 -12.48
N THR A 388 -5.56 -4.82 -13.69
CA THR A 388 -5.49 -3.98 -14.88
C THR A 388 -6.72 -4.25 -15.76
N LEU A 389 -7.19 -3.20 -16.43
CA LEU A 389 -8.34 -3.28 -17.31
C LEU A 389 -7.98 -2.70 -18.67
N VAL A 390 -8.02 -3.54 -19.70
CA VAL A 390 -7.76 -3.09 -21.08
C VAL A 390 -8.99 -3.11 -21.98
N GLY A 391 -8.89 -2.44 -23.12
CA GLY A 391 -10.03 -2.21 -24.00
C GLY A 391 -10.32 -3.27 -25.04
N GLU A 392 -10.49 -4.51 -24.59
CA GLU A 392 -11.06 -5.60 -25.39
C GLU A 392 -10.26 -5.98 -26.65
N ASP A 393 -10.02 -5.00 -27.51
CA ASP A 393 -9.18 -5.17 -28.70
C ASP A 393 -7.75 -4.70 -28.42
N ALA A 394 -7.53 -4.25 -27.18
CA ALA A 394 -6.29 -3.59 -26.77
C ALA A 394 -5.19 -4.56 -26.35
N PRO A 395 -3.91 -4.14 -26.50
CA PRO A 395 -2.73 -4.83 -25.97
C PRO A 395 -2.94 -5.37 -24.55
N ARG A 396 -2.54 -6.62 -24.33
CA ARG A 396 -2.81 -7.33 -23.08
C ARG A 396 -1.83 -7.03 -21.92
N VAL A 397 -1.44 -5.77 -21.79
CA VAL A 397 -0.44 -5.35 -20.80
C VAL A 397 -0.86 -5.58 -19.34
N ILE A 398 0.13 -5.72 -18.46
CA ILE A 398 -0.12 -5.70 -17.01
C ILE A 398 0.61 -4.51 -16.40
N LEU A 399 -0.09 -3.81 -15.51
CA LEU A 399 0.46 -2.63 -14.86
C LEU A 399 1.22 -2.97 -13.58
N GLU A 400 0.65 -3.85 -12.77
CA GLU A 400 1.29 -4.30 -11.53
C GLU A 400 1.99 -5.63 -11.75
N SER A 401 2.70 -6.11 -10.73
CA SER A 401 3.33 -7.43 -10.79
C SER A 401 2.31 -8.54 -10.49
N ILE A 402 2.62 -9.76 -10.92
CA ILE A 402 1.65 -10.86 -10.92
C ILE A 402 1.41 -11.52 -9.55
N GLU A 403 2.48 -12.01 -8.92
CA GLU A 403 2.41 -12.92 -7.76
C GLU A 403 1.53 -12.47 -6.59
N VAL A 404 0.96 -13.45 -5.88
CA VAL A 404 0.16 -13.17 -4.69
C VAL A 404 1.05 -13.38 -3.47
N PRO A 405 1.17 -12.33 -2.62
CA PRO A 405 1.92 -12.40 -1.37
C PRO A 405 1.33 -13.45 -0.42
N GLU A 406 2.21 -14.12 0.35
CA GLU A 406 1.81 -15.24 1.19
C GLU A 406 1.29 -14.82 2.58
N PRO A 407 0.45 -15.65 3.20
CA PRO A 407 0.06 -15.47 4.60
C PRO A 407 1.21 -15.88 5.53
N VAL A 408 1.71 -14.92 6.30
CA VAL A 408 2.95 -15.10 7.07
C VAL A 408 2.83 -14.85 8.57
N ILE A 409 1.73 -14.23 9.00
CA ILE A 409 1.50 -13.94 10.43
C ILE A 409 0.12 -14.40 10.89
N ASP A 410 0.10 -15.27 11.90
CA ASP A 410 -1.14 -15.82 12.45
C ASP A 410 -1.61 -15.04 13.67
N VAL A 411 -2.94 -14.92 13.81
CA VAL A 411 -3.57 -14.27 14.95
C VAL A 411 -4.83 -15.03 15.34
N ALA A 412 -4.90 -15.45 16.61
CA ALA A 412 -6.06 -16.16 17.14
C ALA A 412 -7.16 -15.20 17.55
N ILE A 413 -8.42 -15.59 17.30
CA ILE A 413 -9.56 -14.74 17.61
C ILE A 413 -10.74 -15.54 18.17
N GLU A 414 -11.17 -15.17 19.38
CA GLU A 414 -12.23 -15.88 20.09
C GLU A 414 -13.43 -14.99 20.40
N PRO A 415 -14.61 -15.34 19.86
CA PRO A 415 -15.84 -14.55 20.00
C PRO A 415 -16.48 -14.71 21.38
N LYS A 416 -17.02 -13.61 21.90
CA LYS A 416 -17.54 -13.55 23.27
C LYS A 416 -18.63 -14.57 23.57
N THR A 417 -19.85 -14.31 23.10
CA THR A 417 -21.02 -15.10 23.49
C THR A 417 -22.01 -15.29 22.33
N LYS A 418 -21.80 -16.34 21.54
CA LYS A 418 -22.72 -16.77 20.46
C LYS A 418 -23.13 -15.67 19.47
N ALA A 419 -23.83 -14.65 19.98
CA ALA A 419 -24.36 -13.54 19.17
C ALA A 419 -23.26 -12.80 18.40
N ASP A 420 -22.09 -12.65 19.02
CA ASP A 420 -20.92 -12.08 18.36
C ASP A 420 -20.26 -13.08 17.39
N GLN A 421 -20.38 -14.38 17.70
CA GLN A 421 -19.78 -15.44 16.88
C GLN A 421 -20.45 -15.53 15.50
N GLU A 422 -21.78 -15.61 15.49
CA GLU A 422 -22.55 -15.77 14.26
C GLU A 422 -22.45 -14.55 13.36
N LYS A 423 -22.17 -13.39 13.95
CA LYS A 423 -21.89 -12.17 13.17
C LYS A 423 -20.38 -11.84 13.11
N LEU A 424 -19.55 -12.81 13.50
CA LEU A 424 -18.11 -12.74 13.25
C LEU A 424 -17.76 -13.57 12.03
N SER A 425 -18.19 -14.83 12.02
CA SER A 425 -18.03 -15.69 10.85
C SER A 425 -18.79 -15.13 9.65
N GLN A 426 -19.71 -14.20 9.94
CA GLN A 426 -20.39 -13.40 8.93
C GLN A 426 -19.58 -12.16 8.56
N ALA A 427 -18.96 -11.54 9.56
CA ALA A 427 -18.16 -10.33 9.36
C ALA A 427 -16.97 -10.55 8.44
N LEU A 428 -16.44 -11.78 8.45
CA LEU A 428 -15.24 -12.13 7.70
C LEU A 428 -15.52 -12.41 6.22
N ALA A 429 -16.62 -13.11 5.95
CA ALA A 429 -17.08 -13.35 4.58
C ALA A 429 -17.54 -12.04 3.93
N ARG A 430 -18.15 -11.17 4.73
CA ARG A 430 -18.61 -9.86 4.28
C ARG A 430 -17.47 -8.83 4.27
N LEU A 431 -16.23 -9.31 4.32
CA LEU A 431 -15.04 -8.46 4.30
C LEU A 431 -13.94 -9.04 3.41
N ALA A 432 -14.03 -10.34 3.13
CA ALA A 432 -13.07 -11.02 2.25
C ALA A 432 -13.40 -10.78 0.77
N GLU A 433 -13.61 -9.51 0.42
CA GLU A 433 -13.97 -9.11 -0.94
C GLU A 433 -13.12 -7.94 -1.43
N GLU A 434 -13.06 -6.87 -0.62
CA GLU A 434 -12.20 -5.72 -0.90
C GLU A 434 -10.73 -6.04 -0.62
N ASP A 435 -10.52 -7.01 0.28
CA ASP A 435 -9.18 -7.45 0.64
C ASP A 435 -9.15 -8.99 0.69
N PRO A 436 -8.89 -9.64 -0.44
CA PRO A 436 -8.84 -11.10 -0.47
C PRO A 436 -7.46 -11.66 -0.09
N THR A 437 -6.56 -10.78 0.36
CA THR A 437 -5.18 -11.16 0.68
C THR A 437 -5.00 -11.76 2.07
N PHE A 438 -6.07 -11.78 2.86
CA PHE A 438 -6.03 -12.43 4.17
C PHE A 438 -6.77 -13.78 4.14
N ARG A 439 -6.27 -14.74 4.91
CA ARG A 439 -6.86 -16.08 4.95
C ARG A 439 -7.45 -16.42 6.33
N VAL A 440 -8.52 -17.22 6.33
CA VAL A 440 -9.16 -17.68 7.55
C VAL A 440 -9.04 -19.20 7.64
N SER A 441 -8.76 -19.71 8.84
CA SER A 441 -8.68 -21.14 9.08
C SER A 441 -9.09 -21.54 10.50
N THR A 442 -8.96 -22.82 10.81
CA THR A 442 -9.28 -23.37 12.12
C THR A 442 -8.08 -24.20 12.60
N HIS A 443 -7.62 -23.95 13.81
CA HIS A 443 -6.45 -24.65 14.36
C HIS A 443 -6.77 -26.12 14.63
N PRO A 444 -5.95 -27.05 14.10
CA PRO A 444 -6.05 -28.51 14.14
C PRO A 444 -6.81 -29.16 15.32
N GLU A 445 -6.51 -28.73 16.55
CA GLU A 445 -7.14 -29.35 17.74
C GLU A 445 -7.86 -28.37 18.69
N THR A 446 -7.44 -27.11 18.72
CA THR A 446 -8.08 -26.11 19.57
C THR A 446 -9.41 -25.63 19.00
N GLY A 447 -9.60 -25.81 17.70
CA GLY A 447 -10.87 -25.49 17.02
C GLY A 447 -11.25 -24.02 17.03
N GLN A 448 -10.26 -23.14 17.20
CA GLN A 448 -10.50 -21.70 17.24
C GLN A 448 -10.72 -21.12 15.85
N THR A 449 -10.44 -19.83 15.70
CA THR A 449 -10.50 -19.16 14.41
C THR A 449 -9.19 -18.40 14.19
N ILE A 450 -8.45 -18.80 13.17
CA ILE A 450 -7.13 -18.25 12.89
C ILE A 450 -7.15 -17.40 11.62
N ILE A 451 -6.75 -16.14 11.76
CA ILE A 451 -6.66 -15.22 10.63
C ILE A 451 -5.20 -14.94 10.31
N SER A 452 -4.86 -15.01 9.02
CA SER A 452 -3.49 -14.79 8.57
C SER A 452 -3.40 -13.74 7.46
N GLY A 453 -2.28 -13.01 7.44
CA GLY A 453 -2.08 -11.93 6.48
C GLY A 453 -0.63 -11.71 6.08
N MET A 454 -0.31 -10.47 5.71
CA MET A 454 0.98 -10.13 5.10
C MET A 454 2.02 -9.61 6.11
N GLY A 455 1.54 -9.23 7.30
CA GLY A 455 2.40 -8.73 8.37
C GLY A 455 1.60 -8.36 9.60
N GLU A 456 2.26 -7.70 10.56
CA GLU A 456 1.61 -7.23 11.78
C GLU A 456 0.53 -6.19 11.47
N LEU A 457 0.93 -5.09 10.84
CA LEU A 457 0.06 -3.94 10.61
C LEU A 457 -1.14 -4.28 9.73
N HIS A 458 -0.93 -5.17 8.75
CA HIS A 458 -2.00 -5.66 7.91
C HIS A 458 -3.14 -6.26 8.73
N LEU A 459 -2.78 -6.98 9.79
CA LEU A 459 -3.74 -7.69 10.63
C LEU A 459 -4.26 -6.83 11.78
N GLU A 460 -3.38 -6.00 12.35
CA GLU A 460 -3.74 -5.15 13.48
C GLU A 460 -4.78 -4.08 13.15
N ILE A 461 -5.00 -3.83 11.86
CA ILE A 461 -6.06 -2.91 11.44
C ILE A 461 -7.35 -3.65 11.06
N ILE A 462 -7.21 -4.91 10.67
CA ILE A 462 -8.35 -5.78 10.38
C ILE A 462 -9.13 -6.05 11.67
N VAL A 463 -8.40 -6.29 12.76
CA VAL A 463 -8.99 -6.48 14.10
C VAL A 463 -9.86 -5.27 14.46
N ASP A 464 -9.28 -4.07 14.35
CA ASP A 464 -9.97 -2.83 14.65
C ASP A 464 -11.16 -2.57 13.73
N ARG A 465 -11.02 -2.95 12.46
CA ARG A 465 -12.09 -2.77 11.47
C ARG A 465 -13.23 -3.78 11.69
N LEU A 466 -13.22 -4.44 12.84
CA LEU A 466 -14.24 -5.42 13.21
C LEU A 466 -14.99 -5.03 14.47
N LYS A 467 -14.25 -4.44 15.42
CA LYS A 467 -14.83 -4.01 16.70
C LYS A 467 -15.60 -2.71 16.54
N ARG A 468 -15.11 -1.84 15.64
CA ARG A 468 -15.75 -0.56 15.36
C ARG A 468 -16.72 -0.61 14.19
N GLU A 469 -16.24 -1.09 13.05
CA GLU A 469 -17.02 -1.10 11.80
C GLU A 469 -18.11 -2.16 11.82
N PHE A 470 -17.74 -3.39 12.17
CA PHE A 470 -18.68 -4.52 12.17
C PHE A 470 -19.26 -4.79 13.57
N LYS A 471 -18.78 -4.04 14.56
CA LYS A 471 -19.23 -4.12 15.96
C LYS A 471 -19.20 -5.53 16.57
N VAL A 472 -18.07 -6.22 16.40
CA VAL A 472 -17.88 -7.54 17.00
C VAL A 472 -16.86 -7.46 18.13
N ASP A 473 -17.32 -7.76 19.34
CA ASP A 473 -16.45 -7.71 20.52
C ASP A 473 -15.94 -9.10 20.91
N ALA A 474 -14.62 -9.24 20.87
CA ALA A 474 -13.94 -10.51 21.06
C ALA A 474 -12.49 -10.30 21.51
N ASN A 475 -11.82 -11.38 21.92
CA ASN A 475 -10.42 -11.30 22.37
C ASN A 475 -9.40 -11.76 21.33
N VAL A 476 -8.29 -11.01 21.24
CA VAL A 476 -7.26 -11.23 20.23
C VAL A 476 -5.90 -11.55 20.84
N GLY A 477 -5.30 -12.65 20.38
CA GLY A 477 -3.97 -13.09 20.85
C GLY A 477 -2.82 -12.38 20.19
N LYS A 478 -1.64 -12.51 20.79
CA LYS A 478 -0.42 -11.89 20.28
C LYS A 478 0.01 -12.54 18.97
N PRO A 479 0.21 -11.73 17.90
CA PRO A 479 0.71 -12.17 16.60
C PRO A 479 1.85 -13.20 16.66
N GLN A 480 1.84 -14.14 15.72
CA GLN A 480 2.80 -15.25 15.71
C GLN A 480 3.14 -15.65 14.27
N VAL A 481 4.41 -15.89 13.99
CA VAL A 481 4.88 -16.25 12.64
C VAL A 481 4.42 -17.65 12.19
N ALA A 482 3.87 -17.71 10.98
CA ALA A 482 3.39 -18.96 10.38
C ALA A 482 4.54 -19.79 9.77
N TYR A 483 4.92 -20.84 10.48
CA TYR A 483 5.98 -21.74 10.01
C TYR A 483 5.45 -22.87 9.13
N ARG A 484 6.38 -23.61 8.51
CA ARG A 484 6.05 -24.77 7.69
C ARG A 484 7.00 -25.91 8.03
N GLU A 485 6.58 -27.14 7.69
CA GLU A 485 7.41 -28.32 7.94
C GLU A 485 7.61 -29.17 6.69
N THR A 486 8.74 -29.89 6.62
CA THR A 486 9.08 -30.74 5.46
C THR A 486 10.23 -31.72 5.74
N ILE A 487 10.28 -32.80 4.97
CA ILE A 487 11.31 -33.82 5.11
C ILE A 487 12.56 -33.49 4.28
N THR A 488 13.69 -34.06 4.66
CA THR A 488 14.95 -33.83 3.96
C THR A 488 15.40 -35.00 3.10
N LYS A 489 14.96 -36.21 3.45
CA LYS A 489 15.33 -37.41 2.70
C LYS A 489 14.14 -38.33 2.45
N PRO A 490 14.21 -39.17 1.40
CA PRO A 490 13.08 -40.04 1.08
C PRO A 490 12.99 -41.25 2.00
N VAL A 491 11.76 -41.57 2.43
CA VAL A 491 11.51 -42.75 3.25
C VAL A 491 10.30 -43.58 2.77
N ASP A 492 10.22 -44.79 3.31
CA ASP A 492 9.22 -45.78 2.93
C ASP A 492 8.58 -46.32 4.20
N VAL A 493 7.30 -45.98 4.41
CA VAL A 493 6.63 -46.28 5.68
C VAL A 493 5.24 -46.87 5.52
N GLU A 494 4.75 -47.49 6.58
CA GLU A 494 3.41 -48.06 6.60
C GLU A 494 2.60 -47.61 7.82
N GLY A 495 1.28 -47.55 7.63
CA GLY A 495 0.36 -47.20 8.69
C GLY A 495 -0.80 -48.18 8.73
N LYS A 496 -1.07 -48.73 9.90
CA LYS A 496 -2.17 -49.66 10.10
C LYS A 496 -3.13 -49.14 11.17
N PHE A 497 -4.41 -49.50 11.05
CA PHE A 497 -5.40 -49.19 12.07
C PHE A 497 -6.37 -50.35 12.22
N ILE A 498 -6.03 -51.27 13.11
CA ILE A 498 -6.84 -52.46 13.36
C ILE A 498 -7.32 -52.44 14.81
N ARG A 499 -8.58 -52.08 15.00
CA ARG A 499 -9.18 -51.94 16.33
C ARG A 499 -10.65 -52.33 16.34
N GLN A 500 -11.18 -52.62 17.52
CA GLN A 500 -12.62 -52.83 17.71
C GLN A 500 -13.27 -51.58 18.30
N THR A 501 -13.68 -50.67 17.43
CA THR A 501 -14.19 -49.36 17.87
C THR A 501 -15.68 -49.20 17.61
N GLY A 502 -16.46 -49.19 18.68
CA GLY A 502 -17.91 -48.94 18.61
C GLY A 502 -18.72 -50.10 18.07
N GLY A 503 -18.59 -51.27 18.71
CA GLY A 503 -19.37 -52.43 18.33
C GLY A 503 -18.78 -53.24 17.19
N ARG A 504 -18.20 -52.54 16.21
CA ARG A 504 -17.66 -53.18 15.01
C ARG A 504 -16.13 -53.12 14.89
N GLY A 505 -15.57 -53.94 14.00
CA GLY A 505 -14.13 -54.00 13.75
C GLY A 505 -13.67 -53.14 12.59
N GLN A 506 -12.50 -52.53 12.72
CA GLN A 506 -11.96 -51.61 11.73
C GLN A 506 -10.61 -52.06 11.21
N TYR A 507 -10.41 -51.98 9.90
CA TYR A 507 -9.17 -52.43 9.28
C TYR A 507 -8.72 -51.53 8.12
N GLY A 508 -7.53 -50.95 8.26
CA GLY A 508 -6.94 -50.14 7.22
C GLY A 508 -5.44 -50.34 7.22
N HIS A 509 -4.87 -50.54 6.03
CA HIS A 509 -3.45 -50.82 5.89
C HIS A 509 -2.86 -50.22 4.60
N VAL A 510 -1.98 -49.24 4.77
CA VAL A 510 -1.37 -48.53 3.65
C VAL A 510 0.17 -48.52 3.72
N LYS A 511 0.79 -48.62 2.54
CA LYS A 511 2.24 -48.52 2.41
C LYS A 511 2.58 -47.42 1.41
N ILE A 512 3.21 -46.36 1.90
CA ILE A 512 3.52 -45.21 1.06
C ILE A 512 5.01 -44.97 0.92
N LYS A 513 5.37 -44.35 -0.20
CA LYS A 513 6.72 -43.86 -0.45
C LYS A 513 6.65 -42.34 -0.52
N VAL A 514 7.35 -41.68 0.40
CA VAL A 514 7.35 -40.23 0.41
C VAL A 514 8.75 -39.71 0.15
N GLU A 515 8.84 -38.64 -0.62
CA GLU A 515 10.12 -37.99 -0.88
C GLU A 515 10.02 -36.46 -0.84
N PRO A 516 11.16 -35.77 -0.65
CA PRO A 516 11.14 -34.31 -0.69
C PRO A 516 10.84 -33.81 -2.09
N LEU A 517 10.14 -32.68 -2.17
CA LEU A 517 9.82 -32.06 -3.42
C LEU A 517 10.52 -30.70 -3.43
N PRO A 518 11.04 -30.27 -4.59
CA PRO A 518 11.67 -28.94 -4.69
C PRO A 518 10.88 -27.83 -3.98
N ARG A 519 11.59 -26.82 -3.49
CA ARG A 519 11.02 -25.79 -2.62
C ARG A 519 9.92 -24.98 -3.30
N GLY A 520 8.79 -24.84 -2.62
CA GLY A 520 7.63 -24.11 -3.14
C GLY A 520 6.69 -24.92 -4.04
N SER A 521 7.02 -26.17 -4.30
CA SER A 521 6.25 -27.01 -5.24
C SER A 521 4.99 -27.62 -4.61
N GLY A 522 4.93 -27.65 -3.28
CA GLY A 522 3.71 -28.02 -2.56
C GLY A 522 3.42 -29.50 -2.42
N PHE A 523 2.17 -29.87 -2.67
CA PHE A 523 1.75 -31.26 -2.51
C PHE A 523 1.64 -32.00 -3.83
N GLU A 524 1.94 -33.29 -3.77
CA GLU A 524 1.80 -34.20 -4.90
C GLU A 524 1.45 -35.60 -4.39
N PHE A 525 0.34 -36.14 -4.90
CA PHE A 525 -0.04 -37.52 -4.60
C PHE A 525 -0.04 -38.40 -5.84
N VAL A 526 0.57 -39.58 -5.72
CA VAL A 526 0.56 -40.60 -6.79
C VAL A 526 -0.04 -41.91 -6.29
N ASN A 527 -0.93 -42.48 -7.11
CA ASN A 527 -1.48 -43.79 -6.87
C ASN A 527 -0.76 -44.82 -7.72
N ALA A 528 -0.23 -45.86 -7.08
CA ALA A 528 0.45 -46.93 -7.79
C ALA A 528 -0.05 -48.30 -7.33
N ILE A 529 -1.36 -48.40 -7.10
CA ILE A 529 -1.94 -49.63 -6.60
C ILE A 529 -2.18 -50.61 -7.74
N VAL A 530 -1.58 -51.79 -7.61
CA VAL A 530 -1.63 -52.81 -8.66
C VAL A 530 -2.98 -53.56 -8.66
N GLY A 531 -3.08 -54.63 -7.86
CA GLY A 531 -4.13 -55.63 -8.05
C GLY A 531 -5.38 -55.47 -7.21
N GLY A 532 -5.88 -54.23 -7.13
CA GLY A 532 -6.97 -53.92 -6.21
C GLY A 532 -6.58 -54.33 -4.81
N VAL A 533 -5.31 -54.12 -4.49
CA VAL A 533 -4.75 -54.45 -3.17
C VAL A 533 -5.43 -53.60 -2.10
N ILE A 534 -5.66 -52.33 -2.44
CA ILE A 534 -6.55 -51.47 -1.68
C ILE A 534 -7.67 -51.07 -2.65
N PRO A 535 -8.86 -51.67 -2.50
CA PRO A 535 -10.03 -51.46 -3.35
C PRO A 535 -10.30 -50.00 -3.72
N LYS A 536 -10.74 -49.79 -4.96
CA LYS A 536 -11.04 -48.47 -5.53
C LYS A 536 -11.67 -47.46 -4.57
N GLU A 537 -12.70 -47.89 -3.84
CA GLU A 537 -13.46 -46.98 -2.97
C GLU A 537 -12.60 -46.26 -1.94
N TYR A 538 -11.73 -47.00 -1.28
CA TYR A 538 -11.02 -46.49 -0.12
C TYR A 538 -9.87 -45.52 -0.43
N ILE A 539 -9.65 -45.23 -1.71
CA ILE A 539 -8.53 -44.40 -2.13
C ILE A 539 -8.69 -42.91 -1.77
N PRO A 540 -9.86 -42.30 -2.10
CA PRO A 540 -10.12 -40.96 -1.58
C PRO A 540 -9.93 -40.83 -0.07
N ALA A 541 -10.41 -41.83 0.67
CA ALA A 541 -10.32 -41.88 2.14
C ALA A 541 -8.90 -41.78 2.66
N VAL A 542 -7.97 -42.45 1.96
CA VAL A 542 -6.56 -42.43 2.30
C VAL A 542 -6.00 -41.03 2.10
N GLN A 543 -6.42 -40.36 1.02
CA GLN A 543 -5.98 -39.01 0.73
C GLN A 543 -6.42 -38.01 1.79
N LYS A 544 -7.70 -38.11 2.18
CA LYS A 544 -8.31 -37.25 3.20
C LYS A 544 -7.57 -37.33 4.54
N GLY A 545 -7.18 -38.53 4.94
CA GLY A 545 -6.41 -38.74 6.16
C GLY A 545 -5.01 -38.16 6.07
N ILE A 546 -4.41 -38.25 4.89
CA ILE A 546 -3.07 -37.71 4.65
C ILE A 546 -3.08 -36.19 4.89
N GLU A 547 -3.99 -35.50 4.18
CA GLU A 547 -4.15 -34.05 4.29
C GLU A 547 -4.27 -33.57 5.74
N GLU A 548 -5.15 -34.22 6.50
CA GLU A 548 -5.45 -33.82 7.87
C GLU A 548 -4.25 -33.94 8.81
N ALA A 549 -3.44 -34.98 8.60
CA ALA A 549 -2.20 -35.13 9.35
C ALA A 549 -1.12 -34.18 8.82
N MET A 550 -1.24 -33.78 7.55
CA MET A 550 -0.31 -32.81 6.96
C MET A 550 -0.59 -31.38 7.40
N GLN A 551 -1.59 -31.21 8.27
CA GLN A 551 -1.94 -29.90 8.82
C GLN A 551 -1.13 -29.64 10.09
N SER A 552 -0.77 -30.71 10.79
CA SER A 552 -0.12 -30.62 12.10
C SER A 552 1.17 -31.46 12.21
N GLY A 553 2.29 -30.84 11.87
CA GLY A 553 3.59 -31.52 11.83
C GLY A 553 4.13 -31.94 13.19
N PRO A 554 5.11 -32.87 13.20
CA PRO A 554 5.67 -33.42 14.43
C PRO A 554 6.93 -32.70 14.93
N LEU A 555 6.99 -31.39 14.69
CA LEU A 555 8.06 -30.55 15.24
C LEU A 555 7.50 -29.42 16.08
N ILE A 556 6.54 -28.68 15.52
CA ILE A 556 5.88 -27.56 16.21
C ILE A 556 4.37 -27.48 15.94
N GLY A 557 3.87 -28.38 15.10
CA GLY A 557 2.43 -28.44 14.83
C GLY A 557 1.98 -27.55 13.69
N PHE A 558 2.93 -27.05 12.92
CA PHE A 558 2.60 -26.27 11.75
C PHE A 558 2.53 -27.15 10.50
N PRO A 559 1.70 -26.74 9.50
CA PRO A 559 1.45 -27.50 8.28
C PRO A 559 2.70 -28.00 7.55
N VAL A 560 2.58 -29.18 6.95
CA VAL A 560 3.65 -29.83 6.21
C VAL A 560 3.50 -29.50 4.73
N VAL A 561 4.62 -29.15 4.11
CA VAL A 561 4.62 -28.71 2.72
C VAL A 561 5.77 -29.36 1.91
N ASP A 562 5.72 -29.20 0.60
CA ASP A 562 6.79 -29.61 -0.32
C ASP A 562 7.19 -31.10 -0.21
N ILE A 563 6.23 -31.99 -0.47
CA ILE A 563 6.47 -33.44 -0.47
C ILE A 563 5.67 -34.20 -1.52
N LYS A 564 6.23 -35.30 -2.02
CA LYS A 564 5.55 -36.19 -2.96
C LYS A 564 5.23 -37.53 -2.29
N VAL A 565 3.94 -37.84 -2.21
CA VAL A 565 3.44 -39.05 -1.56
C VAL A 565 3.07 -40.09 -2.62
N THR A 566 3.48 -41.34 -2.41
CA THR A 566 3.25 -42.38 -3.40
C THR A 566 2.71 -43.66 -2.74
N LEU A 567 1.45 -43.96 -3.02
CA LEU A 567 0.77 -45.11 -2.41
C LEU A 567 0.93 -46.34 -3.31
N TYR A 568 1.70 -47.32 -2.84
CA TYR A 568 2.10 -48.44 -3.69
C TYR A 568 1.60 -49.83 -3.25
N ASP A 569 1.29 -49.99 -1.96
CA ASP A 569 0.84 -51.29 -1.43
C ASP A 569 -0.04 -51.10 -0.19
N GLY A 570 -0.55 -52.21 0.34
CA GLY A 570 -1.40 -52.23 1.53
C GLY A 570 -2.20 -53.52 1.62
N SER A 571 -3.25 -53.51 2.44
CA SER A 571 -4.17 -54.66 2.53
C SER A 571 -5.53 -54.28 3.12
N TYR A 572 -6.47 -55.22 3.05
CA TYR A 572 -7.81 -55.01 3.58
C TYR A 572 -8.46 -56.26 4.14
N HIS A 573 -9.28 -56.07 5.18
CA HIS A 573 -10.10 -57.15 5.70
C HIS A 573 -11.43 -57.14 4.97
N GLU A 574 -11.80 -58.29 4.41
CA GLU A 574 -13.00 -58.47 3.59
C GLU A 574 -14.23 -57.70 4.07
N VAL A 575 -14.41 -57.61 5.39
CA VAL A 575 -15.61 -57.03 5.99
C VAL A 575 -15.35 -55.85 6.97
N ASP A 576 -14.18 -55.85 7.62
CA ASP A 576 -13.85 -54.84 8.63
C ASP A 576 -13.35 -53.49 8.08
N SER A 577 -13.03 -53.45 6.77
CA SER A 577 -12.50 -52.25 6.15
C SER A 577 -13.56 -51.16 6.03
N SER A 578 -13.12 -49.90 6.16
CA SER A 578 -14.03 -48.76 6.12
C SER A 578 -13.27 -47.50 5.72
N GLU A 579 -14.01 -46.45 5.39
CA GLU A 579 -13.43 -45.17 5.04
C GLU A 579 -12.68 -44.59 6.22
N MET A 580 -13.29 -44.69 7.40
CA MET A 580 -12.68 -44.18 8.63
C MET A 580 -11.34 -44.87 8.88
N ALA A 581 -11.31 -46.19 8.73
CA ALA A 581 -10.07 -46.96 8.90
C ALA A 581 -8.94 -46.47 8.00
N PHE A 582 -9.20 -46.40 6.70
CA PHE A 582 -8.19 -45.98 5.73
C PHE A 582 -7.86 -44.50 5.82
N LYS A 583 -8.76 -43.73 6.42
CA LYS A 583 -8.48 -42.33 6.72
C LYS A 583 -7.41 -42.26 7.81
N ILE A 584 -7.67 -42.91 8.93
CA ILE A 584 -6.74 -42.91 10.05
C ILE A 584 -5.44 -43.63 9.65
N ALA A 585 -5.57 -44.68 8.85
CA ALA A 585 -4.42 -45.46 8.38
C ALA A 585 -3.50 -44.61 7.50
N GLY A 586 -4.10 -43.77 6.65
CA GLY A 586 -3.37 -42.82 5.83
C GLY A 586 -2.77 -41.71 6.66
N SER A 587 -3.49 -41.29 7.69
CA SER A 587 -3.01 -40.28 8.63
C SER A 587 -1.78 -40.76 9.41
N MET A 588 -1.85 -41.98 9.94
CA MET A 588 -0.77 -42.57 10.74
C MET A 588 0.50 -42.79 9.94
N ALA A 589 0.35 -43.06 8.65
CA ALA A 589 1.48 -43.30 7.76
C ALA A 589 2.26 -42.02 7.49
N ILE A 590 1.55 -40.92 7.26
CA ILE A 590 2.19 -39.66 6.90
C ILE A 590 2.84 -38.98 8.11
N LYS A 591 2.29 -39.21 9.31
CA LYS A 591 2.93 -38.75 10.54
C LYS A 591 4.22 -39.52 10.76
N GLU A 592 4.15 -40.83 10.56
CA GLU A 592 5.32 -41.71 10.61
C GLU A 592 6.36 -41.30 9.56
N ALA A 593 5.91 -40.99 8.35
CA ALA A 593 6.78 -40.51 7.27
C ALA A 593 7.53 -39.23 7.64
N VAL A 594 6.78 -38.17 7.97
CA VAL A 594 7.37 -36.85 8.25
C VAL A 594 8.31 -36.94 9.46
N GLN A 595 8.10 -37.95 10.29
CA GLN A 595 8.98 -38.23 11.42
C GLN A 595 10.32 -38.85 10.96
N LYS A 596 10.25 -39.83 10.07
CA LYS A 596 11.42 -40.59 9.66
C LYS A 596 12.29 -39.86 8.64
N GLY A 597 11.71 -38.90 7.93
CA GLY A 597 12.41 -38.21 6.85
C GLY A 597 13.37 -37.10 7.23
N ASP A 598 13.90 -37.17 8.45
CA ASP A 598 14.73 -36.11 9.06
C ASP A 598 14.13 -34.72 8.84
N PRO A 599 13.03 -34.42 9.54
CA PRO A 599 12.25 -33.20 9.35
C PRO A 599 13.04 -31.91 9.60
N VAL A 600 12.49 -30.80 9.15
CA VAL A 600 13.14 -29.49 9.24
C VAL A 600 12.12 -28.36 9.16
N ILE A 601 12.20 -27.43 10.11
CA ILE A 601 11.31 -26.27 10.15
C ILE A 601 11.70 -25.25 9.09
N LEU A 602 10.69 -24.66 8.46
CA LEU A 602 10.91 -23.58 7.49
C LEU A 602 10.33 -22.27 7.99
N GLU A 603 11.13 -21.22 7.93
CA GLU A 603 10.69 -19.88 8.28
C GLU A 603 10.63 -18.98 7.05
N PRO A 604 9.71 -18.00 7.04
CA PRO A 604 9.67 -17.03 5.95
C PRO A 604 10.86 -16.07 6.01
N ILE A 605 11.49 -15.84 4.87
CA ILE A 605 12.53 -14.83 4.75
C ILE A 605 11.98 -13.58 4.08
N MET A 606 12.07 -12.47 4.79
CA MET A 606 11.58 -11.20 4.27
C MET A 606 12.65 -10.46 3.49
N ARG A 607 12.19 -9.50 2.69
CA ARG A 607 13.05 -8.61 1.92
C ARG A 607 12.82 -7.20 2.46
N VAL A 608 13.88 -6.58 2.98
CA VAL A 608 13.74 -5.30 3.68
C VAL A 608 14.61 -4.21 3.06
N GLU A 609 13.98 -3.14 2.60
CA GLU A 609 14.67 -1.92 2.19
C GLU A 609 14.57 -0.89 3.33
N VAL A 610 15.71 -0.51 3.90
CA VAL A 610 15.73 0.42 5.05
C VAL A 610 16.31 1.78 4.67
N THR A 611 15.47 2.81 4.68
CA THR A 611 15.89 4.19 4.42
C THR A 611 16.43 4.83 5.69
N THR A 612 17.67 5.30 5.64
CA THR A 612 18.33 5.87 6.82
C THR A 612 19.20 7.07 6.48
N PRO A 613 19.24 8.08 7.39
CA PRO A 613 20.22 9.16 7.32
C PRO A 613 21.65 8.61 7.17
N GLU A 614 22.35 9.14 6.17
CA GLU A 614 23.66 8.65 5.75
C GLU A 614 24.59 8.30 6.91
N GLU A 615 24.61 9.16 7.92
CA GLU A 615 25.52 9.04 9.07
C GLU A 615 25.38 7.75 9.87
N TYR A 616 24.15 7.35 10.17
CA TYR A 616 23.91 6.17 11.02
C TYR A 616 23.90 4.85 10.25
N MET A 617 24.77 4.71 9.25
CA MET A 617 24.84 3.47 8.45
C MET A 617 25.36 2.27 9.23
N GLY A 618 26.52 2.44 9.87
CA GLY A 618 27.17 1.36 10.61
C GLY A 618 26.31 0.74 11.69
N ASP A 619 25.55 1.59 12.39
CA ASP A 619 24.73 1.19 13.54
C ASP A 619 23.43 0.46 13.15
N VAL A 620 23.09 0.48 11.86
CA VAL A 620 21.93 -0.26 11.35
C VAL A 620 22.38 -1.58 10.70
N ILE A 621 23.47 -1.51 9.95
CA ILE A 621 24.16 -2.70 9.44
C ILE A 621 24.52 -3.62 10.62
N GLY A 622 25.13 -3.02 11.65
CA GLY A 622 25.48 -3.76 12.86
C GLY A 622 24.28 -4.01 13.76
N ASP A 623 23.14 -4.31 13.13
CA ASP A 623 21.90 -4.62 13.83
C ASP A 623 21.10 -5.65 13.03
N LEU A 624 21.06 -5.47 11.72
CA LEU A 624 20.44 -6.43 10.81
C LEU A 624 21.16 -7.77 10.85
N ASN A 625 22.47 -7.74 11.04
CA ASN A 625 23.26 -8.96 11.21
C ASN A 625 23.02 -9.62 12.56
N ALA A 626 22.75 -8.81 13.58
CA ALA A 626 22.33 -9.32 14.88
C ALA A 626 20.92 -9.91 14.82
N ARG A 627 20.22 -9.68 13.71
CA ARG A 627 18.90 -10.28 13.44
C ARG A 627 19.03 -11.51 12.51
N ARG A 628 20.24 -12.06 12.44
CA ARG A 628 20.56 -13.20 11.56
C ARG A 628 20.38 -12.88 10.08
N GLY A 629 20.59 -11.60 9.74
CA GLY A 629 20.37 -11.12 8.38
C GLY A 629 21.59 -11.17 7.51
N GLN A 630 21.37 -10.99 6.21
CA GLN A 630 22.44 -11.00 5.21
C GLN A 630 22.25 -9.84 4.23
N ILE A 631 23.23 -8.94 4.20
CA ILE A 631 23.15 -7.70 3.41
C ILE A 631 23.29 -7.91 1.90
N LEU A 632 22.46 -7.21 1.13
CA LEU A 632 22.44 -7.33 -0.33
C LEU A 632 23.13 -6.18 -1.07
N GLY A 633 23.07 -4.97 -0.50
CA GLY A 633 23.72 -3.80 -1.09
C GLY A 633 23.05 -2.47 -0.80
N MET A 634 23.86 -1.42 -0.66
CA MET A 634 23.37 -0.08 -0.32
C MET A 634 23.61 0.95 -1.43
N GLU A 635 22.53 1.54 -1.92
CA GLU A 635 22.60 2.59 -2.95
C GLU A 635 21.83 3.83 -2.48
N PRO A 636 22.42 5.03 -2.63
CA PRO A 636 21.80 6.30 -2.23
C PRO A 636 20.48 6.62 -2.95
N ARG A 637 19.54 7.19 -2.18
CA ARG A 637 18.29 7.73 -2.70
C ARG A 637 18.05 9.11 -2.08
N GLY A 638 18.14 10.15 -2.89
CA GLY A 638 18.07 11.53 -2.39
C GLY A 638 19.35 11.88 -1.67
N ASN A 639 19.23 12.36 -0.43
CA ASN A 639 20.41 12.61 0.41
C ASN A 639 20.64 11.54 1.48
N ALA A 640 19.95 10.40 1.35
CA ALA A 640 20.02 9.30 2.32
C ALA A 640 20.51 7.99 1.70
N GLN A 641 20.50 6.92 2.50
CA GLN A 641 20.99 5.62 2.07
C GLN A 641 19.95 4.53 2.30
N VAL A 642 19.61 3.79 1.26
CA VAL A 642 18.66 2.68 1.36
C VAL A 642 19.39 1.34 1.35
N ILE A 643 19.10 0.50 2.33
CA ILE A 643 19.79 -0.79 2.47
C ILE A 643 18.82 -1.94 2.16
N ARG A 644 19.26 -2.82 1.25
CA ARG A 644 18.52 -4.03 0.90
C ARG A 644 19.13 -5.21 1.64
N ALA A 645 18.29 -6.00 2.30
CA ALA A 645 18.75 -7.09 3.15
C ALA A 645 17.74 -8.22 3.29
N PHE A 646 18.23 -9.45 3.39
CA PHE A 646 17.40 -10.61 3.70
C PHE A 646 17.40 -10.87 5.20
N VAL A 647 16.24 -10.76 5.82
CA VAL A 647 16.11 -11.00 7.27
C VAL A 647 14.87 -11.87 7.54
N PRO A 648 15.01 -12.86 8.46
CA PRO A 648 13.87 -13.69 8.85
C PRO A 648 12.80 -12.87 9.56
N LEU A 649 11.54 -13.23 9.32
CA LEU A 649 10.41 -12.52 9.88
C LEU A 649 10.38 -12.59 11.42
N ALA A 650 10.83 -13.73 11.94
CA ALA A 650 10.90 -13.98 13.39
C ALA A 650 11.82 -12.99 14.12
N GLU A 651 12.78 -12.43 13.39
CA GLU A 651 13.68 -11.41 13.93
C GLU A 651 13.30 -10.00 13.44
N MET A 652 11.99 -9.76 13.31
CA MET A 652 11.51 -8.46 12.84
C MET A 652 10.43 -7.85 13.75
N PHE A 653 10.10 -8.56 14.82
CA PHE A 653 9.08 -8.08 15.77
C PHE A 653 9.51 -6.80 16.47
N GLY A 654 8.70 -5.75 16.30
CA GLY A 654 9.01 -4.45 16.85
C GLY A 654 10.33 -3.93 16.34
N TYR A 655 10.42 -3.74 15.03
CA TYR A 655 11.58 -3.12 14.40
C TYR A 655 11.39 -1.59 14.36
N ALA A 656 10.16 -1.16 14.11
CA ALA A 656 9.80 0.26 14.07
C ALA A 656 10.26 1.03 15.31
N THR A 657 10.40 0.33 16.43
CA THR A 657 10.98 0.93 17.64
C THR A 657 12.50 1.01 17.50
N ASP A 658 13.14 -0.16 17.42
CA ASP A 658 14.60 -0.27 17.33
C ASP A 658 15.21 0.65 16.28
N LEU A 659 14.51 0.80 15.15
CA LEU A 659 14.97 1.65 14.06
C LEU A 659 15.00 3.11 14.48
N ARG A 660 13.90 3.59 15.06
CA ARG A 660 13.76 4.99 15.46
C ARG A 660 14.49 5.30 16.77
N SER A 661 14.91 4.25 17.46
CA SER A 661 15.74 4.37 18.64
C SER A 661 17.22 4.52 18.26
N LYS A 662 17.57 4.07 17.06
CA LYS A 662 18.95 4.08 16.60
C LYS A 662 19.19 5.05 15.44
N THR A 663 18.13 5.79 15.07
CA THR A 663 18.23 6.83 14.03
C THR A 663 17.66 8.16 14.52
N GLN A 664 17.40 8.23 15.83
CA GLN A 664 16.80 9.40 16.48
C GLN A 664 15.39 9.70 15.93
N GLY A 665 14.74 8.65 15.42
CA GLY A 665 13.38 8.78 14.87
C GLY A 665 13.33 8.99 13.37
N ARG A 666 14.46 9.29 12.77
CA ARG A 666 14.54 9.68 11.36
C ARG A 666 14.46 8.52 10.36
N GLY A 667 14.70 7.29 10.82
CA GLY A 667 14.70 6.11 9.94
C GLY A 667 13.31 5.55 9.65
N SER A 668 13.22 4.77 8.56
CA SER A 668 11.98 4.10 8.14
C SER A 668 12.26 2.92 7.20
N PHE A 669 11.34 1.95 7.15
CA PHE A 669 11.58 0.69 6.45
C PHE A 669 10.35 0.10 5.77
N VAL A 670 10.59 -0.77 4.78
CA VAL A 670 9.55 -1.52 4.08
C VAL A 670 9.85 -3.02 4.08
N MET A 671 8.83 -3.85 3.91
CA MET A 671 8.99 -5.29 4.06
C MET A 671 8.15 -6.10 3.07
N PHE A 672 8.78 -7.08 2.43
CA PHE A 672 8.10 -7.97 1.49
C PHE A 672 8.54 -9.42 1.67
N PHE A 673 7.60 -10.34 1.52
CA PHE A 673 7.92 -11.77 1.55
C PHE A 673 8.69 -12.18 0.29
N ASP A 674 9.76 -12.94 0.48
CA ASP A 674 10.59 -13.39 -0.63
C ASP A 674 10.51 -14.91 -0.81
N HIS A 675 10.85 -15.66 0.23
CA HIS A 675 10.85 -17.14 0.17
C HIS A 675 10.77 -17.80 1.55
N TYR A 676 10.74 -19.13 1.56
CA TYR A 676 10.83 -19.91 2.80
C TYR A 676 12.22 -20.52 2.93
N GLN A 677 12.68 -20.66 4.17
CA GLN A 677 14.05 -21.10 4.41
C GLN A 677 14.14 -22.26 5.39
N GLU A 678 15.15 -23.11 5.19
CA GLU A 678 15.50 -24.15 6.16
C GLU A 678 16.22 -23.47 7.32
N VAL A 679 15.59 -23.48 8.49
CA VAL A 679 16.11 -22.77 9.68
C VAL A 679 17.44 -23.35 10.17
N PRO A 680 18.36 -22.46 10.62
CA PRO A 680 19.62 -22.91 11.24
C PRO A 680 19.39 -23.89 12.39
N LYS A 681 20.39 -24.75 12.63
CA LYS A 681 20.27 -25.84 13.59
C LYS A 681 20.10 -25.35 15.03
N GLN A 682 20.66 -24.18 15.35
CA GLN A 682 20.53 -23.58 16.68
C GLN A 682 19.09 -23.13 16.96
N VAL A 683 18.43 -22.58 15.93
CA VAL A 683 17.06 -22.06 16.05
C VAL A 683 16.02 -23.18 16.23
N GLN A 684 16.31 -24.36 15.67
CA GLN A 684 15.40 -25.49 15.73
C GLN A 684 15.10 -25.92 17.17
N GLU A 685 16.14 -26.15 17.97
CA GLU A 685 16.00 -26.55 19.37
C GLU A 685 15.19 -25.53 20.17
N LYS A 686 15.43 -24.25 19.90
CA LYS A 686 14.73 -23.14 20.54
C LYS A 686 13.24 -23.12 20.21
N LEU A 687 12.89 -23.75 19.10
CA LEU A 687 11.50 -23.79 18.62
C LEU A 687 10.76 -25.07 18.99
N ILE A 688 11.50 -26.18 19.10
CA ILE A 688 10.91 -27.47 19.50
C ILE A 688 10.62 -27.49 20.99
#